data_4Y2W
#
_entry.id   4Y2W
#
_cell.length_a   60.843
_cell.length_b   73.077
_cell.length_c   218.746
_cell.angle_alpha   90.000
_cell.angle_beta   90.000
_cell.angle_gamma   90.000
#
_symmetry.space_group_name_H-M   'P 21 21 21'
#
loop_
_entity.id
_entity.type
_entity.pdbx_description
1 polymer 'Alanine racemase 1'
2 non-polymer 'PHOSPHATE ION'
3 non-polymer ALANINE
#
_entity_poly.entity_id   1
_entity_poly.type   'polypeptide(L)'
_entity_poly.pdbx_seq_one_letter_code
;VKFDGVRPTRVEVYLDAITHNFREIKKIVGKNVKIMAVIKGDAYGHGASYVAKFLEKEGVDYFGVATTEEALELREKGIK
TPILIFGYTPPTQLRQIVKHDLTQTVYDIKYAKELEKESLKQNKRAKVHIKIDTGLGRIGYIDFDLAQKEILEMANMRGL
ILEGIYSHFAAASEDDRDYCKEQFDKFMNLISSLEKKRLKIPLKHIANAAAILNLNYSHLDMVRPGIILFGAYPSKRVER
KVELRETLRFTTRVVHLKDVPAGFFIGYGKSFVTKRKSVIATIPVGYADGLDRRLSNNYKLLLKGKYVPIVGRVCMDQCM
IDVTDVEGVEIGDEVVIIGTQNNETVSVESMADKIETIPQEVFSRISRRVPRVYFYDGIKIGEVNYLK
;
_entity_poly.pdbx_strand_id   A,B
#
loop_
_chem_comp.id
_chem_comp.type
_chem_comp.name
_chem_comp.formula
PO4 non-polymer 'PHOSPHATE ION' 'O4 P -3'
#
# COMPACT_ATOMS: atom_id res chain seq x y z
N VAL A 1 1.64 23.04 14.41
CA VAL A 1 1.25 22.60 15.80
C VAL A 1 1.66 21.13 16.03
N LYS A 2 1.63 20.72 17.30
CA LYS A 2 1.97 19.35 17.68
C LYS A 2 0.97 18.35 17.07
N PHE A 3 -0.29 18.47 17.46
CA PHE A 3 -1.35 17.58 16.99
C PHE A 3 -2.54 18.37 16.44
N ASP A 4 -3.37 17.70 15.65
CA ASP A 4 -4.52 18.33 15.02
C ASP A 4 -5.53 17.26 14.60
N GLY A 5 -6.56 17.65 13.86
CA GLY A 5 -7.59 16.72 13.40
C GLY A 5 -7.09 15.56 12.59
N VAL A 6 -6.01 15.76 11.84
CA VAL A 6 -5.45 14.74 10.95
C VAL A 6 -4.54 13.79 11.75
N ARG A 7 -4.47 12.54 11.31
CA ARG A 7 -3.60 11.54 11.92
C ARG A 7 -2.17 12.07 12.05
N PRO A 8 -1.47 11.72 13.15
CA PRO A 8 -0.08 12.17 13.29
C PRO A 8 0.80 11.74 12.10
N THR A 9 0.80 10.45 11.79
CA THR A 9 1.52 9.93 10.63
C THR A 9 0.80 10.40 9.36
N ARG A 10 1.50 11.11 8.50
CA ARG A 10 0.88 11.76 7.35
C ARG A 10 1.84 12.01 6.18
N VAL A 11 1.25 12.27 5.02
CA VAL A 11 1.97 12.74 3.85
C VAL A 11 1.56 14.18 3.60
N GLU A 12 2.55 15.07 3.51
CA GLU A 12 2.31 16.46 3.12
C GLU A 12 2.65 16.63 1.65
N VAL A 13 1.62 16.88 0.83
CA VAL A 13 1.81 17.08 -0.61
C VAL A 13 1.90 18.57 -0.94
N TYR A 14 3.00 18.96 -1.58
CA TYR A 14 3.24 20.36 -1.95
C TYR A 14 2.90 20.58 -3.42
N LEU A 15 1.67 21.02 -3.64
CA LEU A 15 1.13 21.18 -4.99
C LEU A 15 1.89 22.20 -5.83
N ASP A 16 2.32 23.30 -5.21
CA ASP A 16 3.11 24.32 -5.90
C ASP A 16 4.49 23.83 -6.36
N ALA A 17 4.99 22.77 -5.71
CA ALA A 17 6.24 22.12 -6.11
C ALA A 17 6.04 21.20 -7.32
N ILE A 18 4.86 20.59 -7.40
CA ILE A 18 4.51 19.74 -8.54
C ILE A 18 4.30 20.59 -9.80
N THR A 19 3.58 21.70 -9.64
CA THR A 19 3.35 22.63 -10.74
C THR A 19 4.68 23.24 -11.21
N HIS A 20 5.58 23.51 -10.28
CA HIS A 20 6.91 23.99 -10.61
C HIS A 20 7.69 22.98 -11.43
N ASN A 21 7.75 21.73 -10.97
CA ASN A 21 8.43 20.66 -11.70
C ASN A 21 7.82 20.43 -13.08
N PHE A 22 6.51 20.61 -13.17
CA PHE A 22 5.79 20.59 -14.45
C PHE A 22 6.31 21.70 -15.38
N ARG A 23 6.42 22.91 -14.85
CA ARG A 23 6.96 24.04 -15.61
C ARG A 23 8.42 23.85 -16.03
N GLU A 24 9.19 23.08 -15.27
CA GLU A 24 10.56 22.73 -15.64
C GLU A 24 10.60 21.86 -16.90
N ILE A 25 9.64 20.96 -17.03
CA ILE A 25 9.57 20.08 -18.20
C ILE A 25 9.28 20.88 -19.48
N LYS A 26 8.44 21.90 -19.37
CA LYS A 26 8.13 22.77 -20.51
C LYS A 26 9.36 23.52 -21.05
N LYS A 27 10.29 23.85 -20.16
CA LYS A 27 11.54 24.51 -20.57
C LYS A 27 12.42 23.60 -21.42
N ILE A 28 12.42 22.30 -21.11
CA ILE A 28 13.25 21.32 -21.81
C ILE A 28 12.72 21.01 -23.21
N VAL A 29 11.40 20.88 -23.33
CA VAL A 29 10.76 20.57 -24.62
C VAL A 29 10.42 21.85 -25.38
N GLY A 30 10.07 21.69 -26.66
CA GLY A 30 9.69 22.81 -27.50
C GLY A 30 8.39 23.47 -27.03
N LYS A 31 8.03 24.58 -27.66
CA LYS A 31 6.82 25.31 -27.30
C LYS A 31 5.57 24.64 -27.91
N ASN A 32 5.77 23.87 -28.98
CA ASN A 32 4.69 23.15 -29.64
C ASN A 32 4.62 21.67 -29.26
N VAL A 33 5.43 21.25 -28.29
CA VAL A 33 5.42 19.87 -27.81
C VAL A 33 4.48 19.76 -26.62
N LYS A 34 3.51 18.85 -26.72
CA LYS A 34 2.48 18.69 -25.70
C LYS A 34 2.98 17.83 -24.53
N ILE A 35 2.38 18.04 -23.36
CA ILE A 35 2.78 17.32 -22.16
C ILE A 35 1.63 16.48 -21.59
N MET A 36 1.90 15.20 -21.38
CA MET A 36 0.96 14.29 -20.74
C MET A 36 1.50 13.96 -19.35
N ALA A 37 0.86 14.50 -18.32
CA ALA A 37 1.26 14.19 -16.94
C ALA A 37 0.83 12.77 -16.57
N VAL A 38 1.82 11.89 -16.39
CA VAL A 38 1.54 10.55 -15.87
C VAL A 38 1.29 10.70 -14.37
N ILE A 39 0.09 10.35 -13.94
CA ILE A 39 -0.28 10.43 -12.53
C ILE A 39 -0.91 9.12 -12.08
N LYS A 40 -0.42 8.02 -12.63
CA LYS A 40 -0.89 6.69 -12.26
C LYS A 40 -0.48 6.32 -10.85
N GLY A 41 -1.03 5.23 -10.33
CA GLY A 41 -0.84 4.84 -8.94
C GLY A 41 -1.22 5.96 -7.99
N ASP A 42 -2.35 6.61 -8.25
CA ASP A 42 -2.84 7.70 -7.42
C ASP A 42 -1.83 8.85 -7.35
N ALA A 43 -1.36 9.27 -8.54
CA ALA A 43 -0.35 10.31 -8.68
C ALA A 43 0.93 9.95 -7.91
N TYR A 44 1.35 8.70 -8.06
CA TYR A 44 2.49 8.16 -7.32
C TYR A 44 2.33 8.45 -5.83
N GLY A 45 1.20 8.05 -5.27
CA GLY A 45 0.93 8.19 -3.84
C GLY A 45 0.65 9.59 -3.32
N HIS A 46 0.51 10.57 -4.21
CA HIS A 46 0.25 11.96 -3.81
C HIS A 46 -1.25 12.29 -3.78
N GLY A 47 -2.08 11.43 -4.36
CA GLY A 47 -3.52 11.69 -4.50
C GLY A 47 -3.84 12.30 -5.85
N ALA A 48 -4.47 11.53 -6.72
CA ALA A 48 -4.75 11.94 -8.08
C ALA A 48 -5.70 13.13 -8.16
N SER A 49 -6.77 13.08 -7.37
CA SER A 49 -7.78 14.15 -7.36
C SER A 49 -7.13 15.53 -7.31
N TYR A 50 -6.39 15.79 -6.25
CA TYR A 50 -5.78 17.11 -6.05
C TYR A 50 -4.68 17.42 -7.06
N VAL A 51 -3.83 16.43 -7.34
CA VAL A 51 -2.74 16.61 -8.31
C VAL A 51 -3.28 16.90 -9.70
N ALA A 52 -4.31 16.17 -10.11
CA ALA A 52 -4.95 16.40 -11.41
C ALA A 52 -5.62 17.76 -11.45
N LYS A 53 -6.32 18.11 -10.37
CA LYS A 53 -7.00 19.40 -10.26
C LYS A 53 -6.01 20.54 -10.50
N PHE A 54 -4.86 20.49 -9.83
CA PHE A 54 -3.89 21.58 -9.90
C PHE A 54 -3.03 21.59 -11.17
N LEU A 55 -2.81 20.42 -11.78
CA LEU A 55 -2.14 20.37 -13.08
C LEU A 55 -3.09 20.81 -14.21
N GLU A 56 -4.39 20.57 -14.03
CA GLU A 56 -5.39 21.07 -14.98
C GLU A 56 -5.45 22.61 -14.98
N LYS A 57 -5.32 23.22 -13.81
CA LYS A 57 -5.22 24.69 -13.72
C LYS A 57 -3.96 25.19 -14.43
N GLU A 58 -2.88 24.43 -14.31
CA GLU A 58 -1.59 24.80 -14.88
C GLU A 58 -1.55 24.68 -16.41
N GLY A 59 -2.54 24.01 -16.99
CA GLY A 59 -2.71 23.96 -18.45
C GLY A 59 -2.09 22.74 -19.11
N VAL A 60 -2.11 21.60 -18.42
CA VAL A 60 -1.56 20.36 -18.97
C VAL A 60 -2.41 19.87 -20.15
N ASP A 61 -1.77 19.22 -21.11
CA ASP A 61 -2.43 18.83 -22.37
C ASP A 61 -3.15 17.48 -22.27
N TYR A 62 -2.62 16.56 -21.49
CA TYR A 62 -3.18 15.22 -21.33
C TYR A 62 -2.84 14.67 -19.95
N PHE A 63 -3.57 13.63 -19.54
CA PHE A 63 -3.19 12.85 -18.36
C PHE A 63 -2.99 11.39 -18.75
N GLY A 64 -2.01 10.75 -18.12
CA GLY A 64 -1.77 9.33 -18.29
C GLY A 64 -2.07 8.58 -17.01
N VAL A 65 -2.84 7.50 -17.13
CA VAL A 65 -3.13 6.62 -16.00
C VAL A 65 -3.04 5.16 -16.40
N ALA A 66 -2.91 4.29 -15.39
CA ALA A 66 -2.70 2.88 -15.59
C ALA A 66 -3.99 2.11 -15.86
N THR A 67 -5.05 2.43 -15.13
CA THR A 67 -6.30 1.65 -15.16
C THR A 67 -7.56 2.45 -15.49
N THR A 68 -8.63 1.71 -15.76
CA THR A 68 -9.94 2.28 -16.03
C THR A 68 -10.48 3.07 -14.84
N GLU A 69 -10.32 2.51 -13.65
CA GLU A 69 -10.86 3.10 -12.42
C GLU A 69 -10.07 4.36 -12.06
N GLU A 70 -8.79 4.37 -12.37
CA GLU A 70 -7.97 5.57 -12.22
C GLU A 70 -8.48 6.66 -13.16
N ALA A 71 -8.77 6.29 -14.40
CA ALA A 71 -9.32 7.24 -15.38
C ALA A 71 -10.69 7.75 -14.96
N LEU A 72 -11.55 6.84 -14.50
CA LEU A 72 -12.89 7.20 -14.07
C LEU A 72 -12.91 8.03 -12.79
N GLU A 73 -12.02 7.74 -11.86
CA GLU A 73 -11.91 8.50 -10.62
C GLU A 73 -11.72 9.99 -10.92
N LEU A 74 -10.88 10.29 -11.90
CA LEU A 74 -10.60 11.66 -12.29
C LEU A 74 -11.83 12.35 -12.88
N ARG A 75 -12.57 11.64 -13.74
CA ARG A 75 -13.81 12.17 -14.32
C ARG A 75 -14.90 12.42 -13.27
N GLU A 76 -14.99 11.52 -12.29
CA GLU A 76 -15.94 11.67 -11.19
C GLU A 76 -15.73 12.99 -10.43
N LYS A 77 -14.47 13.45 -10.37
CA LYS A 77 -14.13 14.70 -9.68
C LYS A 77 -14.06 15.93 -10.61
N GLY A 78 -14.68 15.84 -11.80
CA GLY A 78 -14.84 16.99 -12.69
C GLY A 78 -13.62 17.38 -13.50
N ILE A 79 -12.72 16.43 -13.73
CA ILE A 79 -11.54 16.68 -14.56
C ILE A 79 -11.95 16.64 -16.04
N LYS A 80 -11.74 17.76 -16.74
CA LYS A 80 -12.11 17.91 -18.16
C LYS A 80 -10.97 17.48 -19.08
N THR A 81 -9.74 17.64 -18.62
CA THR A 81 -8.54 17.27 -19.37
C THR A 81 -8.69 15.87 -19.99
N PRO A 82 -8.22 15.68 -21.24
CA PRO A 82 -8.24 14.34 -21.83
C PRO A 82 -7.39 13.36 -21.04
N ILE A 83 -7.88 12.12 -20.91
CA ILE A 83 -7.20 11.08 -20.13
C ILE A 83 -6.95 9.84 -20.99
N LEU A 84 -5.76 9.27 -20.87
CA LEU A 84 -5.38 8.06 -21.59
C LEU A 84 -5.18 6.91 -20.62
N ILE A 85 -5.81 5.78 -20.92
CA ILE A 85 -5.65 4.54 -20.16
C ILE A 85 -4.63 3.65 -20.87
N PHE A 86 -3.46 3.48 -20.27
CA PHE A 86 -2.40 2.63 -20.84
C PHE A 86 -2.85 1.17 -20.87
N GLY A 87 -3.54 0.75 -19.81
CA GLY A 87 -3.91 -0.65 -19.64
C GLY A 87 -5.09 -1.09 -20.46
N TYR A 88 -5.46 -2.35 -20.26
CA TYR A 88 -6.60 -2.97 -20.93
C TYR A 88 -7.87 -2.65 -20.16
N THR A 89 -8.85 -2.07 -20.84
CA THR A 89 -10.19 -1.89 -20.29
C THR A 89 -11.05 -3.05 -20.80
N PRO A 90 -11.43 -3.99 -19.90
CA PRO A 90 -12.17 -5.19 -20.33
C PRO A 90 -13.45 -4.87 -21.12
N PRO A 91 -13.87 -5.79 -22.02
CA PRO A 91 -15.11 -5.64 -22.81
C PRO A 91 -16.35 -5.32 -21.97
N THR A 92 -16.41 -5.88 -20.77
CA THR A 92 -17.52 -5.65 -19.85
C THR A 92 -17.60 -4.21 -19.31
N GLN A 93 -16.49 -3.47 -19.34
CA GLN A 93 -16.44 -2.11 -18.82
C GLN A 93 -16.34 -1.04 -19.91
N LEU A 94 -16.66 -1.40 -21.15
CA LEU A 94 -16.46 -0.49 -22.29
C LEU A 94 -17.46 0.65 -22.32
N ARG A 95 -18.64 0.45 -21.72
CA ARG A 95 -19.67 1.49 -21.70
C ARG A 95 -19.16 2.76 -21.03
N GLN A 96 -18.37 2.59 -19.98
CA GLN A 96 -17.95 3.70 -19.13
C GLN A 96 -16.93 4.61 -19.82
N ILE A 97 -15.94 4.01 -20.48
CA ILE A 97 -14.90 4.79 -21.17
C ILE A 97 -15.45 5.60 -22.36
N VAL A 98 -16.48 5.07 -23.01
CA VAL A 98 -17.16 5.78 -24.09
C VAL A 98 -18.02 6.91 -23.52
N LYS A 99 -18.71 6.62 -22.41
CA LYS A 99 -19.61 7.58 -21.77
C LYS A 99 -18.87 8.81 -21.27
N HIS A 100 -17.76 8.61 -20.59
CA HIS A 100 -17.01 9.71 -19.98
C HIS A 100 -15.82 10.15 -20.84
N ASP A 101 -15.79 9.72 -22.09
CA ASP A 101 -14.87 10.23 -23.09
C ASP A 101 -13.41 10.05 -22.65
N LEU A 102 -13.01 8.79 -22.52
CA LEU A 102 -11.66 8.44 -22.11
C LEU A 102 -10.90 7.79 -23.26
N THR A 103 -9.66 8.22 -23.47
CA THR A 103 -8.82 7.66 -24.51
C THR A 103 -8.34 6.28 -24.09
N GLN A 104 -8.41 5.33 -25.02
CA GLN A 104 -8.08 3.93 -24.74
C GLN A 104 -6.91 3.44 -25.59
N THR A 105 -6.07 2.60 -24.99
CA THR A 105 -4.97 1.97 -25.69
C THR A 105 -5.47 0.77 -26.48
N VAL A 106 -5.02 0.63 -27.72
CA VAL A 106 -5.44 -0.47 -28.60
C VAL A 106 -4.25 -1.02 -29.39
N TYR A 107 -4.14 -2.35 -29.43
CA TYR A 107 -3.13 -3.01 -30.26
C TYR A 107 -3.61 -4.36 -30.82
N ASP A 108 -4.91 -4.46 -31.09
CA ASP A 108 -5.45 -5.57 -31.88
C ASP A 108 -6.83 -5.18 -32.43
N ILE A 109 -7.16 -5.71 -33.61
CA ILE A 109 -8.35 -5.30 -34.36
C ILE A 109 -9.66 -5.75 -33.70
N LYS A 110 -9.67 -6.92 -33.10
CA LYS A 110 -10.88 -7.46 -32.48
C LYS A 110 -11.35 -6.55 -31.36
N TYR A 111 -10.41 -6.02 -30.59
CA TYR A 111 -10.72 -5.09 -29.50
C TYR A 111 -11.23 -3.75 -30.03
N ALA A 112 -10.59 -3.26 -31.09
CA ALA A 112 -11.02 -2.01 -31.73
C ALA A 112 -12.46 -2.09 -32.22
N LYS A 113 -12.84 -3.23 -32.81
CA LYS A 113 -14.21 -3.47 -33.27
C LYS A 113 -15.20 -3.43 -32.10
N GLU A 114 -14.87 -4.13 -31.02
CA GLU A 114 -15.71 -4.16 -29.82
C GLU A 114 -15.87 -2.76 -29.22
N LEU A 115 -14.81 -1.96 -29.27
CA LEU A 115 -14.89 -0.57 -28.82
C LEU A 115 -15.78 0.25 -29.75
N GLU A 116 -15.57 0.10 -31.06
CA GLU A 116 -16.35 0.82 -32.07
C GLU A 116 -17.84 0.56 -31.88
N LYS A 117 -18.18 -0.71 -31.70
CA LYS A 117 -19.57 -1.14 -31.46
C LYS A 117 -20.25 -0.33 -30.35
N GLU A 118 -19.55 -0.17 -29.22
CA GLU A 118 -20.06 0.61 -28.10
C GLU A 118 -20.09 2.11 -28.41
N SER A 119 -19.11 2.59 -29.19
CA SER A 119 -19.07 3.99 -29.62
C SER A 119 -20.29 4.35 -30.47
N LEU A 120 -20.65 3.47 -31.39
CA LEU A 120 -21.80 3.66 -32.26
C LEU A 120 -23.11 3.47 -31.50
N LYS A 121 -23.10 2.59 -30.50
CA LYS A 121 -24.26 2.34 -29.67
C LYS A 121 -24.65 3.57 -28.82
N GLN A 122 -23.67 4.41 -28.48
CA GLN A 122 -23.92 5.63 -27.72
C GLN A 122 -23.83 6.90 -28.57
N ASN A 123 -23.59 6.73 -29.87
CA ASN A 123 -23.50 7.84 -30.84
C ASN A 123 -22.40 8.84 -30.52
N LYS A 124 -21.31 8.35 -29.93
CA LYS A 124 -20.11 9.14 -29.66
C LYS A 124 -18.94 8.49 -30.38
N ARG A 125 -17.78 9.16 -30.37
CA ARG A 125 -16.58 8.65 -31.01
C ARG A 125 -15.49 8.39 -29.99
N ALA A 126 -15.00 7.15 -29.94
CA ALA A 126 -14.01 6.74 -28.93
C ALA A 126 -12.58 7.02 -29.39
N LYS A 127 -11.95 7.99 -28.75
CA LYS A 127 -10.54 8.32 -29.02
C LYS A 127 -9.66 7.12 -28.64
N VAL A 128 -8.68 6.80 -29.49
CA VAL A 128 -7.75 5.71 -29.21
C VAL A 128 -6.33 6.04 -29.62
N HIS A 129 -5.38 5.50 -28.85
CA HIS A 129 -3.95 5.61 -29.13
C HIS A 129 -3.40 4.20 -29.37
N ILE A 130 -2.61 4.04 -30.41
CA ILE A 130 -2.10 2.74 -30.75
C ILE A 130 -0.75 2.48 -30.10
N LYS A 131 -0.59 1.35 -29.42
CA LYS A 131 0.68 1.05 -28.78
C LYS A 131 1.52 0.15 -29.62
N ILE A 132 2.77 0.52 -29.76
CA ILE A 132 3.72 -0.24 -30.51
C ILE A 132 4.82 -0.79 -29.63
N ASP A 133 5.12 -2.06 -29.79
CA ASP A 133 6.19 -2.68 -29.02
C ASP A 133 7.49 -2.64 -29.83
N THR A 134 8.36 -1.70 -29.48
CA THR A 134 9.61 -1.50 -30.22
C THR A 134 10.81 -2.17 -29.57
N GLY A 135 10.59 -2.96 -28.52
CA GLY A 135 11.71 -3.62 -27.80
C GLY A 135 11.41 -4.08 -26.39
N LEU A 136 10.54 -3.35 -25.69
CA LEU A 136 10.21 -3.61 -24.28
C LEU A 136 9.54 -4.98 -24.03
N GLY A 137 8.87 -5.52 -25.05
CA GLY A 137 8.24 -6.84 -24.95
C GLY A 137 7.05 -6.91 -24.00
N ARG A 138 6.44 -5.76 -23.71
CA ARG A 138 5.38 -5.68 -22.69
C ARG A 138 4.00 -5.71 -23.34
N ILE A 139 3.55 -4.59 -23.91
CA ILE A 139 2.33 -4.58 -24.72
C ILE A 139 2.53 -3.82 -26.03
N GLY A 140 1.66 -4.08 -26.99
CA GLY A 140 1.71 -3.44 -28.30
C GLY A 140 2.00 -4.43 -29.40
N TYR A 141 1.87 -3.97 -30.64
CA TYR A 141 2.19 -4.80 -31.81
C TYR A 141 3.67 -5.13 -31.86
N ILE A 142 3.98 -6.38 -32.18
CA ILE A 142 5.36 -6.79 -32.48
C ILE A 142 5.55 -7.11 -33.97
N ASP A 143 4.51 -7.66 -34.60
CA ASP A 143 4.49 -7.87 -36.05
C ASP A 143 4.07 -6.55 -36.69
N PHE A 144 5.05 -5.82 -37.23
CA PHE A 144 4.82 -4.49 -37.80
C PHE A 144 4.01 -4.56 -39.10
N ASP A 145 4.12 -5.70 -39.79
CA ASP A 145 3.38 -5.96 -41.02
C ASP A 145 1.88 -6.07 -40.72
N LEU A 146 1.56 -6.86 -39.69
CA LEU A 146 0.20 -6.98 -39.18
C LEU A 146 -0.31 -5.64 -38.65
N ALA A 147 0.56 -4.90 -37.97
CA ALA A 147 0.19 -3.62 -37.38
C ALA A 147 -0.33 -2.65 -38.42
N GLN A 148 0.39 -2.50 -39.53
CA GLN A 148 -0.02 -1.59 -40.61
C GLN A 148 -1.42 -1.92 -41.12
N LYS A 149 -1.68 -3.20 -41.35
CA LYS A 149 -2.97 -3.64 -41.87
C LYS A 149 -4.11 -3.25 -40.93
N GLU A 150 -3.99 -3.64 -39.66
CA GLU A 150 -5.04 -3.41 -38.67
C GLU A 150 -5.21 -1.93 -38.33
N ILE A 151 -4.10 -1.20 -38.26
CA ILE A 151 -4.14 0.23 -38.00
C ILE A 151 -4.84 0.98 -39.14
N LEU A 152 -4.64 0.52 -40.37
CA LEU A 152 -5.28 1.15 -41.53
C LEU A 152 -6.78 0.91 -41.57
N GLU A 153 -7.22 -0.24 -41.07
CA GLU A 153 -8.65 -0.52 -40.95
C GLU A 153 -9.28 0.40 -39.92
N MET A 154 -8.62 0.53 -38.76
CA MET A 154 -9.08 1.40 -37.68
C MET A 154 -9.27 2.85 -38.14
N ALA A 155 -8.42 3.30 -39.05
CA ALA A 155 -8.51 4.66 -39.60
C ALA A 155 -9.81 4.87 -40.37
N ASN A 156 -10.39 3.78 -40.89
CA ASN A 156 -11.62 3.83 -41.66
C ASN A 156 -12.87 3.47 -40.86
N MET A 157 -12.70 3.24 -39.55
CA MET A 157 -13.81 2.99 -38.65
C MET A 157 -14.32 4.32 -38.09
N ARG A 158 -15.50 4.72 -38.54
CA ARG A 158 -16.08 6.03 -38.17
C ARG A 158 -16.44 6.15 -36.69
N GLY A 159 -16.62 5.02 -36.01
CA GLY A 159 -16.89 5.02 -34.58
C GLY A 159 -15.69 5.38 -33.72
N LEU A 160 -14.49 5.25 -34.28
CA LEU A 160 -13.25 5.59 -33.59
C LEU A 160 -12.67 6.91 -34.08
N ILE A 161 -11.78 7.47 -33.27
CA ILE A 161 -10.90 8.55 -33.70
C ILE A 161 -9.48 8.08 -33.42
N LEU A 162 -8.68 7.97 -34.48
CA LEU A 162 -7.32 7.47 -34.39
C LEU A 162 -6.37 8.63 -34.10
N GLU A 163 -6.39 9.08 -32.84
CA GLU A 163 -5.71 10.31 -32.41
C GLU A 163 -4.21 10.13 -32.16
N GLY A 164 -3.83 9.02 -31.53
CA GLY A 164 -2.43 8.84 -31.13
C GLY A 164 -1.82 7.49 -31.47
N ILE A 165 -0.50 7.45 -31.38
CA ILE A 165 0.26 6.21 -31.55
C ILE A 165 1.54 6.35 -30.72
N TYR A 166 1.86 5.33 -29.94
CA TYR A 166 3.00 5.43 -29.03
C TYR A 166 3.71 4.13 -28.73
N SER A 167 4.89 4.28 -28.14
CA SER A 167 5.72 3.16 -27.71
C SER A 167 6.40 3.55 -26.39
N HIS A 168 7.30 2.69 -25.90
CA HIS A 168 7.94 2.88 -24.61
C HIS A 168 9.38 2.36 -24.64
N PHE A 169 10.33 3.16 -24.13
CA PHE A 169 11.74 2.78 -24.12
C PHE A 169 12.01 1.73 -23.05
N ALA A 170 12.80 0.71 -23.40
CA ALA A 170 13.11 -0.39 -22.49
C ALA A 170 14.28 -0.09 -21.56
N ALA A 171 15.24 0.72 -22.01
CA ALA A 171 16.45 1.01 -21.23
C ALA A 171 16.89 2.46 -21.34
N ALA A 172 15.94 3.38 -21.26
CA ALA A 172 16.25 4.81 -21.24
C ALA A 172 16.78 5.24 -19.86
N SER A 173 16.21 4.66 -18.80
CA SER A 173 16.70 4.88 -17.43
C SER A 173 18.10 4.30 -17.23
N GLU A 174 18.40 3.22 -17.94
CA GLU A 174 19.74 2.59 -17.90
C GLU A 174 20.69 3.25 -18.89
N ASP A 175 20.16 4.12 -19.76
CA ASP A 175 20.94 4.90 -20.70
C ASP A 175 21.70 4.04 -21.71
N ASP A 176 21.00 3.07 -22.27
CA ASP A 176 21.48 2.33 -23.43
C ASP A 176 21.04 3.11 -24.66
N ARG A 177 21.91 4.02 -25.11
CA ARG A 177 21.59 4.96 -26.17
C ARG A 177 21.39 4.25 -27.52
N ASP A 178 22.18 3.21 -27.76
CA ASP A 178 22.05 2.41 -28.99
C ASP A 178 20.69 1.75 -29.11
N TYR A 179 20.17 1.23 -27.99
CA TYR A 179 18.86 0.59 -28.00
C TYR A 179 17.72 1.61 -28.10
N CYS A 180 17.86 2.73 -27.41
CA CYS A 180 16.90 3.83 -27.53
C CYS A 180 16.83 4.34 -28.97
N LYS A 181 17.99 4.56 -29.58
CA LYS A 181 18.07 4.96 -30.99
C LYS A 181 17.42 3.89 -31.86
N GLU A 182 17.72 2.62 -31.56
CA GLU A 182 17.16 1.49 -32.29
C GLU A 182 15.64 1.42 -32.20
N GLN A 183 15.12 1.60 -30.99
CA GLN A 183 13.67 1.56 -30.75
C GLN A 183 12.98 2.73 -31.43
N PHE A 184 13.61 3.90 -31.39
CA PHE A 184 13.06 5.10 -32.01
C PHE A 184 12.93 4.93 -33.53
N ASP A 185 13.98 4.43 -34.17
CA ASP A 185 13.98 4.23 -35.62
C ASP A 185 12.89 3.26 -36.06
N LYS A 186 12.80 2.10 -35.42
CA LYS A 186 11.73 1.14 -35.70
C LYS A 186 10.37 1.80 -35.67
N PHE A 187 10.15 2.60 -34.63
CA PHE A 187 8.90 3.33 -34.44
C PHE A 187 8.63 4.26 -35.62
N MET A 188 9.59 5.12 -35.93
CA MET A 188 9.45 6.07 -37.04
C MET A 188 9.30 5.34 -38.38
N ASN A 189 9.93 4.18 -38.53
CA ASN A 189 9.83 3.38 -39.75
C ASN A 189 8.43 2.79 -39.97
N LEU A 190 7.74 2.47 -38.88
CA LEU A 190 6.33 2.07 -38.97
C LEU A 190 5.45 3.26 -39.33
N ILE A 191 5.79 4.45 -38.82
CA ILE A 191 5.02 5.67 -39.11
C ILE A 191 5.18 6.11 -40.56
N SER A 192 6.42 6.07 -41.07
CA SER A 192 6.70 6.38 -42.47
C SER A 192 5.86 5.52 -43.41
N SER A 193 5.78 4.22 -43.09
CA SER A 193 4.99 3.30 -43.89
C SER A 193 3.51 3.66 -43.86
N LEU A 194 3.03 4.09 -42.70
CA LEU A 194 1.63 4.53 -42.55
C LEU A 194 1.35 5.86 -43.23
N GLU A 195 2.29 6.80 -43.12
CA GLU A 195 2.15 8.10 -43.78
C GLU A 195 2.19 7.97 -45.31
N LYS A 196 2.85 6.93 -45.80
CA LYS A 196 2.85 6.60 -47.24
C LYS A 196 1.49 6.06 -47.70
N LYS A 197 0.70 5.54 -46.76
CA LYS A 197 -0.69 5.16 -47.03
C LYS A 197 -1.67 6.27 -46.63
N ARG A 198 -1.19 7.52 -46.62
CA ARG A 198 -2.03 8.71 -46.42
C ARG A 198 -2.70 8.74 -45.05
N LEU A 199 -1.95 8.40 -44.00
CA LEU A 199 -2.46 8.35 -42.64
C LEU A 199 -1.54 9.12 -41.69
N LYS A 200 -1.94 10.35 -41.36
CA LYS A 200 -1.19 11.19 -40.43
C LYS A 200 -1.85 11.14 -39.06
N ILE A 201 -1.23 10.42 -38.13
CA ILE A 201 -1.72 10.34 -36.75
C ILE A 201 -1.15 11.52 -35.96
N PRO A 202 -2.01 12.42 -35.46
CA PRO A 202 -1.53 13.69 -34.89
C PRO A 202 -0.62 13.57 -33.66
N LEU A 203 -0.83 12.56 -32.83
CA LEU A 203 -0.06 12.42 -31.59
C LEU A 203 0.87 11.21 -31.60
N LYS A 204 2.12 11.44 -32.02
CA LYS A 204 3.19 10.47 -31.92
C LYS A 204 3.99 10.80 -30.66
N HIS A 205 4.19 9.81 -29.79
CA HIS A 205 4.95 10.01 -28.56
C HIS A 205 5.59 8.72 -28.08
N ILE A 206 6.72 8.87 -27.39
CA ILE A 206 7.51 7.72 -26.96
C ILE A 206 8.33 7.96 -25.68
N ALA A 207 8.68 9.22 -25.41
CA ALA A 207 9.61 9.56 -24.33
C ALA A 207 8.96 9.60 -22.95
N ASN A 208 9.52 8.82 -22.03
CA ASN A 208 9.28 8.98 -20.60
C ASN A 208 10.39 9.88 -20.01
N ALA A 209 10.37 10.11 -18.70
CA ALA A 209 11.32 11.05 -18.06
C ALA A 209 12.79 10.88 -18.47
N ALA A 210 13.24 9.63 -18.57
CA ALA A 210 14.63 9.33 -18.90
C ALA A 210 15.02 9.84 -20.28
N ALA A 211 14.15 9.61 -21.26
CA ALA A 211 14.39 10.04 -22.63
C ALA A 211 14.11 11.54 -22.81
N ILE A 212 13.24 12.11 -21.98
CA ILE A 212 12.95 13.53 -22.03
C ILE A 212 14.19 14.35 -21.68
N LEU A 213 14.96 13.87 -20.71
CA LEU A 213 16.18 14.55 -20.28
C LEU A 213 17.31 14.38 -21.30
N ASN A 214 17.52 13.14 -21.72
CA ASN A 214 18.66 12.77 -22.55
C ASN A 214 18.39 12.94 -24.04
N LEU A 215 17.36 12.25 -24.52
CA LEU A 215 17.11 12.09 -25.95
C LEU A 215 16.20 13.18 -26.51
N ASN A 216 16.79 14.27 -26.99
CA ASN A 216 16.01 15.40 -27.52
C ASN A 216 15.18 15.03 -28.74
N TYR A 217 15.61 14.02 -29.49
CA TYR A 217 14.89 13.54 -30.66
C TYR A 217 13.58 12.82 -30.33
N SER A 218 13.55 12.15 -29.18
CA SER A 218 12.38 11.35 -28.77
C SER A 218 11.14 12.18 -28.41
N HIS A 219 11.30 13.49 -28.24
CA HIS A 219 10.21 14.39 -27.83
C HIS A 219 8.94 14.23 -28.67
N LEU A 220 9.11 14.19 -30.00
CA LEU A 220 8.00 14.02 -30.94
C LEU A 220 6.86 15.03 -30.69
N ASP A 221 5.60 14.59 -30.81
CA ASP A 221 4.45 15.49 -30.66
C ASP A 221 4.02 15.63 -29.19
N MET A 222 4.28 14.60 -28.39
CA MET A 222 3.92 14.62 -26.98
C MET A 222 4.95 13.87 -26.12
N VAL A 223 5.00 14.25 -24.85
CA VAL A 223 5.99 13.74 -23.92
C VAL A 223 5.29 13.27 -22.62
N ARG A 224 5.83 12.25 -21.96
CA ARG A 224 5.15 11.57 -20.85
C ARG A 224 5.91 11.60 -19.50
N PRO A 225 6.00 12.78 -18.86
CA PRO A 225 6.65 12.86 -17.56
C PRO A 225 5.78 12.27 -16.45
N GLY A 226 6.40 11.46 -15.58
CA GLY A 226 5.69 10.86 -14.45
C GLY A 226 6.41 11.16 -13.14
N ILE A 227 7.25 10.24 -12.70
CA ILE A 227 7.98 10.39 -11.44
C ILE A 227 8.71 11.72 -11.33
N ILE A 228 9.22 12.21 -12.45
CA ILE A 228 9.98 13.46 -12.48
C ILE A 228 9.15 14.65 -12.02
N LEU A 229 7.84 14.61 -12.23
CA LEU A 229 6.93 15.63 -11.73
C LEU A 229 6.86 15.65 -10.20
N PHE A 230 7.33 14.58 -9.56
CA PHE A 230 7.23 14.44 -8.10
C PHE A 230 8.59 14.49 -7.39
N GLY A 231 9.52 15.25 -7.97
CA GLY A 231 10.77 15.60 -7.31
C GLY A 231 11.82 14.52 -7.24
N ALA A 232 11.77 13.56 -8.15
CA ALA A 232 12.76 12.48 -8.20
C ALA A 232 13.15 12.14 -9.63
N TYR A 233 14.29 11.48 -9.77
CA TYR A 233 14.75 11.01 -11.06
C TYR A 233 14.57 9.49 -11.15
N PRO A 234 14.40 8.97 -12.38
CA PRO A 234 14.17 7.53 -12.56
C PRO A 234 15.40 6.66 -12.32
N SER A 235 16.59 7.23 -12.44
CA SER A 235 17.84 6.49 -12.24
C SER A 235 18.99 7.45 -11.99
N LYS A 236 20.21 6.90 -11.92
CA LYS A 236 21.41 7.72 -11.74
C LYS A 236 22.07 8.10 -13.07
N ARG A 237 21.65 7.47 -14.17
CA ARG A 237 22.22 7.74 -15.50
C ARG A 237 21.38 8.74 -16.31
N VAL A 238 21.05 9.86 -15.68
CA VAL A 238 20.30 10.93 -16.35
C VAL A 238 21.00 12.26 -16.08
N GLU A 239 20.80 13.24 -16.96
CA GLU A 239 21.57 14.48 -16.94
C GLU A 239 21.20 15.43 -15.78
N ARG A 240 19.93 15.47 -15.41
CA ARG A 240 19.45 16.26 -14.28
C ARG A 240 19.64 17.78 -14.48
N LYS A 241 19.38 18.24 -15.69
CA LYS A 241 19.57 19.66 -16.03
C LYS A 241 18.42 20.52 -15.48
N VAL A 242 17.31 19.87 -15.09
CA VAL A 242 16.17 20.56 -14.50
C VAL A 242 16.36 20.79 -13.00
N GLU A 243 15.68 21.80 -12.47
CA GLU A 243 15.73 22.13 -11.04
C GLU A 243 14.43 21.69 -10.35
N LEU A 244 14.49 20.53 -9.70
CA LEU A 244 13.29 19.97 -9.05
C LEU A 244 13.15 20.45 -7.61
N ARG A 245 11.90 20.61 -7.18
CA ARG A 245 11.56 20.93 -5.79
C ARG A 245 10.90 19.74 -5.12
N GLU A 246 10.99 19.70 -3.79
CA GLU A 246 10.45 18.59 -3.02
C GLU A 246 8.94 18.67 -3.01
N THR A 247 8.29 17.58 -3.43
CA THR A 247 6.84 17.54 -3.60
C THR A 247 6.11 16.81 -2.48
N LEU A 248 6.78 15.87 -1.82
CA LEU A 248 6.17 15.08 -0.75
C LEU A 248 7.05 15.03 0.49
N ARG A 249 6.42 15.22 1.65
CA ARG A 249 7.08 14.96 2.94
C ARG A 249 6.29 13.93 3.73
N PHE A 250 6.89 12.75 3.93
CA PHE A 250 6.29 11.67 4.70
C PHE A 250 6.71 11.85 6.14
N THR A 251 5.76 12.23 7.01
CA THR A 251 6.08 12.63 8.38
C THR A 251 5.22 11.92 9.43
N THR A 252 5.70 11.92 10.66
CA THR A 252 4.96 11.42 11.81
C THR A 252 5.35 12.19 13.08
N ARG A 253 4.83 11.76 14.23
CA ARG A 253 5.04 12.50 15.48
C ARG A 253 5.55 11.62 16.62
N VAL A 254 6.23 12.26 17.57
CA VAL A 254 6.67 11.56 18.77
C VAL A 254 5.45 11.32 19.64
N VAL A 255 5.22 10.07 19.98
CA VAL A 255 4.03 9.62 20.68
C VAL A 255 4.34 9.11 22.09
N HIS A 256 5.60 8.75 22.34
CA HIS A 256 6.00 8.28 23.66
C HIS A 256 7.51 8.41 23.84
N LEU A 257 7.92 8.87 25.01
CA LEU A 257 9.34 8.94 25.38
C LEU A 257 9.58 8.22 26.70
N LYS A 258 10.53 7.27 26.70
CA LYS A 258 10.98 6.64 27.94
C LYS A 258 12.49 6.68 28.10
N ASP A 259 12.93 6.79 29.36
CA ASP A 259 14.33 6.68 29.72
C ASP A 259 14.59 5.25 30.16
N VAL A 260 15.60 4.62 29.57
CA VAL A 260 15.94 3.24 29.91
C VAL A 260 17.43 3.09 30.18
N PRO A 261 17.82 2.07 30.95
CA PRO A 261 19.24 1.81 31.22
C PRO A 261 19.91 1.06 30.06
N ALA A 262 21.19 0.72 30.25
CA ALA A 262 21.90 -0.15 29.31
C ALA A 262 21.41 -1.58 29.49
N GLY A 263 21.61 -2.40 28.47
CA GLY A 263 21.11 -3.78 28.49
C GLY A 263 19.60 -3.88 28.37
N PHE A 264 18.97 -2.83 27.84
CA PHE A 264 17.52 -2.78 27.68
C PHE A 264 17.15 -3.23 26.27
N PHE A 265 16.33 -4.27 26.18
CA PHE A 265 15.93 -4.83 24.89
C PHE A 265 14.77 -4.07 24.28
N ILE A 266 14.79 -3.90 22.96
CA ILE A 266 13.74 -3.22 22.21
C ILE A 266 13.28 -4.05 21.01
N GLY A 267 11.97 -4.13 20.82
CA GLY A 267 11.37 -4.73 19.63
C GLY A 267 11.23 -6.24 19.68
N TYR A 268 10.56 -6.78 18.66
CA TYR A 268 10.36 -8.23 18.53
C TYR A 268 11.69 -8.97 18.39
N GLY A 269 11.77 -10.16 18.99
CA GLY A 269 12.95 -11.00 18.92
C GLY A 269 14.18 -10.45 19.62
N LYS A 270 13.99 -9.45 20.47
CA LYS A 270 15.09 -8.77 21.14
C LYS A 270 16.26 -8.46 20.19
N SER A 271 15.93 -8.02 18.98
CA SER A 271 16.93 -7.79 17.93
C SER A 271 17.89 -6.63 18.27
N PHE A 272 17.47 -5.72 19.14
CA PHE A 272 18.31 -4.61 19.59
C PHE A 272 18.41 -4.58 21.11
N VAL A 273 19.56 -4.15 21.60
CA VAL A 273 19.77 -3.90 23.02
C VAL A 273 20.61 -2.64 23.18
N THR A 274 20.21 -1.79 24.12
CA THR A 274 20.95 -0.57 24.40
C THR A 274 22.34 -0.90 24.96
N LYS A 275 23.34 -0.13 24.53
CA LYS A 275 24.71 -0.22 25.05
C LYS A 275 25.01 0.93 26.00
N ARG A 276 23.99 1.71 26.34
CA ARG A 276 24.15 2.89 27.19
C ARG A 276 22.80 3.37 27.73
N LYS A 277 22.83 4.32 28.65
CA LYS A 277 21.62 5.04 29.04
C LYS A 277 21.06 5.74 27.80
N SER A 278 19.76 5.56 27.56
CA SER A 278 19.16 6.03 26.33
C SER A 278 17.77 6.61 26.54
N VAL A 279 17.39 7.51 25.64
CA VAL A 279 16.01 7.98 25.52
C VAL A 279 15.41 7.40 24.25
N ILE A 280 14.41 6.55 24.40
CA ILE A 280 13.74 5.90 23.27
C ILE A 280 12.39 6.56 23.00
N ALA A 281 12.16 6.95 21.76
CA ALA A 281 10.86 7.46 21.36
C ALA A 281 10.14 6.40 20.53
N THR A 282 8.82 6.35 20.66
CA THR A 282 7.99 5.50 19.84
C THR A 282 7.20 6.38 18.88
N ILE A 283 7.07 5.96 17.63
CA ILE A 283 6.36 6.75 16.63
C ILE A 283 5.30 5.89 15.95
N PRO A 284 4.11 6.47 15.74
CA PRO A 284 2.99 5.67 15.25
C PRO A 284 3.01 5.47 13.73
N VAL A 285 4.13 4.95 13.23
CA VAL A 285 4.24 4.56 11.82
C VAL A 285 4.91 3.20 11.74
N GLY A 286 4.33 2.31 10.93
CA GLY A 286 4.87 0.96 10.75
C GLY A 286 4.78 0.51 9.30
N TYR A 287 4.93 -0.79 9.08
CA TYR A 287 5.01 -1.30 7.70
C TYR A 287 3.67 -1.32 6.95
N ALA A 288 2.57 -1.32 7.69
CA ALA A 288 1.25 -1.24 7.07
C ALA A 288 1.00 0.16 6.50
N ASP A 289 1.81 1.14 6.92
CA ASP A 289 1.72 2.51 6.42
C ASP A 289 2.63 2.76 5.23
N GLY A 290 3.53 1.81 4.94
CA GLY A 290 4.50 1.95 3.85
C GLY A 290 5.95 2.10 4.29
N LEU A 291 6.23 1.86 5.57
CA LEU A 291 7.61 1.89 6.07
C LEU A 291 8.16 0.48 6.06
N ASP A 292 9.03 0.19 5.08
CA ASP A 292 9.48 -1.18 4.85
C ASP A 292 10.16 -1.77 6.08
N ARG A 293 9.75 -2.99 6.42
CA ARG A 293 10.25 -3.69 7.59
C ARG A 293 11.77 -3.97 7.52
N ARG A 294 12.32 -4.00 6.30
CA ARG A 294 13.76 -4.21 6.14
C ARG A 294 14.62 -3.04 6.67
N LEU A 295 13.99 -1.90 6.92
CA LEU A 295 14.66 -0.77 7.57
C LEU A 295 14.88 -0.99 9.07
N SER A 296 14.37 -2.10 9.61
CA SER A 296 14.69 -2.53 10.98
C SER A 296 16.20 -2.45 11.23
N ASN A 297 16.60 -1.59 12.17
CA ASN A 297 18.01 -1.41 12.53
C ASN A 297 18.95 -1.01 11.38
N ASN A 298 18.44 -0.31 10.38
CA ASN A 298 19.31 0.28 9.34
C ASN A 298 18.60 1.36 8.53
N TYR A 299 18.12 2.37 9.24
CA TYR A 299 17.78 3.63 8.63
C TYR A 299 17.76 4.70 9.73
N LYS A 300 17.93 5.95 9.33
CA LYS A 300 17.88 7.06 10.26
C LYS A 300 16.87 8.08 9.75
N LEU A 301 15.95 8.49 10.62
CA LEU A 301 14.93 9.49 10.30
C LEU A 301 15.37 10.84 10.83
N LEU A 302 14.71 11.90 10.35
CA LEU A 302 15.05 13.26 10.76
C LEU A 302 14.15 13.72 11.90
N LEU A 303 14.76 14.30 12.92
CA LEU A 303 14.06 14.85 14.07
C LEU A 303 14.85 16.05 14.56
N LYS A 304 14.29 17.24 14.38
CA LYS A 304 14.96 18.50 14.74
C LYS A 304 16.27 18.70 13.97
N GLY A 305 16.29 18.23 12.72
CA GLY A 305 17.49 18.31 11.88
C GLY A 305 18.63 17.37 12.26
N LYS A 306 18.34 16.43 13.15
CA LYS A 306 19.32 15.42 13.57
C LYS A 306 18.86 14.06 13.07
N TYR A 307 19.82 13.19 12.76
CA TYR A 307 19.52 11.83 12.36
C TYR A 307 19.29 10.94 13.58
N VAL A 308 18.19 10.19 13.57
CA VAL A 308 17.87 9.27 14.66
C VAL A 308 17.61 7.89 14.07
N PRO A 309 18.36 6.87 14.55
CA PRO A 309 18.22 5.55 13.96
C PRO A 309 16.98 4.79 14.44
N ILE A 310 16.43 3.97 13.57
CA ILE A 310 15.39 3.02 13.93
C ILE A 310 16.06 1.92 14.74
N VAL A 311 15.55 1.66 15.94
CA VAL A 311 16.10 0.63 16.81
C VAL A 311 15.06 -0.44 17.07
N GLY A 312 15.46 -1.70 16.93
CA GLY A 312 14.54 -2.83 16.99
C GLY A 312 13.81 -2.98 15.66
N ARG A 313 12.92 -3.97 15.59
CA ARG A 313 12.17 -4.24 14.37
C ARG A 313 11.08 -3.21 14.14
N VAL A 314 10.75 -2.97 12.88
CA VAL A 314 9.63 -2.12 12.52
C VAL A 314 8.36 -2.96 12.68
N CYS A 315 7.44 -2.47 13.50
CA CYS A 315 6.16 -3.13 13.74
C CYS A 315 5.19 -2.73 12.64
N MET A 316 3.99 -3.29 12.69
CA MET A 316 2.97 -3.02 11.68
C MET A 316 2.50 -1.56 11.70
N ASP A 317 2.40 -0.99 12.89
CA ASP A 317 1.81 0.34 13.08
C ASP A 317 2.74 1.34 13.77
N GLN A 318 3.93 0.90 14.17
CA GLN A 318 4.82 1.76 14.95
C GLN A 318 6.25 1.26 14.89
N CYS A 319 7.18 2.09 15.35
CA CYS A 319 8.57 1.69 15.51
C CYS A 319 9.25 2.59 16.53
N MET A 320 10.41 2.15 17.00
CA MET A 320 11.19 2.89 17.98
C MET A 320 12.42 3.53 17.36
N ILE A 321 12.80 4.69 17.91
CA ILE A 321 13.99 5.40 17.47
C ILE A 321 14.81 5.86 18.67
N ASP A 322 16.13 5.87 18.53
CA ASP A 322 17.03 6.33 19.58
C ASP A 322 17.20 7.83 19.47
N VAL A 323 16.69 8.55 20.46
CA VAL A 323 16.73 10.02 20.44
C VAL A 323 17.64 10.57 21.54
N THR A 324 18.59 9.74 21.99
CA THR A 324 19.48 10.09 23.10
C THR A 324 20.36 11.31 22.80
N ASP A 325 20.77 11.46 21.55
CA ASP A 325 21.67 12.54 21.16
C ASP A 325 20.95 13.85 20.84
N VAL A 326 19.63 13.83 20.77
CA VAL A 326 18.86 15.02 20.44
C VAL A 326 18.32 15.68 21.72
N GLU A 327 18.64 16.96 21.88
CA GLU A 327 18.23 17.72 23.07
C GLU A 327 16.87 18.39 22.89
N GLY A 328 16.10 18.43 23.97
CA GLY A 328 14.81 19.12 24.00
C GLY A 328 13.68 18.39 23.30
N VAL A 329 13.74 17.05 23.31
CA VAL A 329 12.74 16.24 22.61
C VAL A 329 11.44 16.22 23.42
N GLU A 330 10.33 16.29 22.71
CA GLU A 330 9.01 16.44 23.32
C GLU A 330 7.97 15.60 22.59
N ILE A 331 6.83 15.41 23.24
CA ILE A 331 5.70 14.70 22.66
C ILE A 331 5.09 15.60 21.59
N GLY A 332 4.98 15.08 20.37
CA GLY A 332 4.41 15.84 19.26
C GLY A 332 5.43 16.57 18.41
N ASP A 333 6.72 16.30 18.63
CA ASP A 333 7.75 16.79 17.72
C ASP A 333 7.64 16.02 16.41
N GLU A 334 7.81 16.74 15.29
CA GLU A 334 7.72 16.14 13.96
C GLU A 334 8.88 15.19 13.72
N VAL A 335 8.58 14.05 13.09
CA VAL A 335 9.61 13.10 12.68
C VAL A 335 9.44 12.84 11.18
N VAL A 336 10.45 13.22 10.40
CA VAL A 336 10.38 13.09 8.94
C VAL A 336 10.99 11.77 8.49
N ILE A 337 10.23 11.04 7.68
CA ILE A 337 10.62 9.74 7.15
C ILE A 337 11.18 9.87 5.74
N ILE A 338 10.48 10.67 4.93
CA ILE A 338 10.91 11.04 3.59
C ILE A 338 10.78 12.56 3.49
N GLY A 339 11.82 13.21 2.99
CA GLY A 339 11.79 14.67 2.78
C GLY A 339 12.76 15.47 3.63
N THR A 340 12.51 16.78 3.67
CA THR A 340 13.46 17.76 4.21
C THR A 340 13.06 18.20 5.61
N GLN A 341 14.06 18.53 6.43
CA GLN A 341 13.84 19.09 7.76
C GLN A 341 15.11 19.80 8.24
N ASN A 342 15.10 21.13 8.23
CA ASN A 342 16.22 21.96 8.73
C ASN A 342 17.59 21.64 8.10
N ASN A 343 17.81 22.11 6.87
CA ASN A 343 19.10 21.91 6.18
C ASN A 343 19.56 20.46 6.21
N GLU A 344 18.62 19.55 5.97
CA GLU A 344 18.88 18.12 6.06
C GLU A 344 17.74 17.35 5.39
N THR A 345 18.07 16.31 4.65
CA THR A 345 17.10 15.61 3.82
C THR A 345 17.33 14.11 3.82
N VAL A 346 16.26 13.37 4.12
CA VAL A 346 16.21 11.93 3.84
C VAL A 346 15.35 11.75 2.60
N SER A 347 15.96 11.90 1.43
CA SER A 347 15.24 11.93 0.16
C SER A 347 14.58 10.59 -0.13
N VAL A 348 13.57 10.63 -0.99
CA VAL A 348 12.93 9.43 -1.49
C VAL A 348 13.91 8.51 -2.23
N GLU A 349 14.91 9.10 -2.89
CA GLU A 349 15.92 8.32 -3.60
C GLU A 349 16.84 7.57 -2.63
N SER A 350 17.23 8.23 -1.54
CA SER A 350 18.03 7.58 -0.49
C SER A 350 17.32 6.36 0.07
N MET A 351 16.02 6.48 0.31
CA MET A 351 15.21 5.37 0.80
C MET A 351 15.14 4.23 -0.22
N ALA A 352 14.92 4.58 -1.48
CA ALA A 352 14.86 3.60 -2.58
C ALA A 352 16.17 2.82 -2.71
N ASP A 353 17.30 3.50 -2.55
CA ASP A 353 18.60 2.87 -2.62
C ASP A 353 18.78 1.86 -1.49
N LYS A 354 18.49 2.28 -0.26
CA LYS A 354 18.68 1.45 0.93
C LYS A 354 17.95 0.10 0.84
N ILE A 355 16.75 0.09 0.27
CA ILE A 355 16.01 -1.18 0.09
C ILE A 355 16.06 -1.72 -1.35
N GLU A 356 17.06 -1.29 -2.12
CA GLU A 356 17.35 -1.85 -3.43
C GLU A 356 16.15 -1.77 -4.38
N THR A 357 15.63 -0.55 -4.55
CA THR A 357 14.54 -0.32 -5.48
C THR A 357 14.64 1.10 -6.06
N ILE A 358 13.55 1.60 -6.63
CA ILE A 358 13.53 2.91 -7.26
C ILE A 358 12.43 3.76 -6.62
N PRO A 359 12.56 5.10 -6.70
CA PRO A 359 11.61 6.04 -6.06
C PRO A 359 10.14 5.75 -6.31
N GLN A 360 9.81 5.20 -7.47
CA GLN A 360 8.41 4.93 -7.81
C GLN A 360 7.77 3.93 -6.84
N GLU A 361 8.48 2.84 -6.51
CA GLU A 361 7.93 1.82 -5.61
C GLU A 361 7.79 2.32 -4.16
N VAL A 362 8.72 3.19 -3.74
CA VAL A 362 8.66 3.75 -2.40
C VAL A 362 7.41 4.60 -2.22
N PHE A 363 7.16 5.51 -3.16
CA PHE A 363 5.95 6.33 -3.15
C PHE A 363 4.67 5.48 -3.17
N SER A 364 4.68 4.42 -3.98
CA SER A 364 3.50 3.54 -4.09
C SER A 364 3.26 2.68 -2.85
N ARG A 365 4.26 2.58 -1.99
CA ARG A 365 4.17 1.81 -0.75
C ARG A 365 3.37 2.54 0.32
N ILE A 366 3.24 3.87 0.19
CA ILE A 366 2.55 4.69 1.19
C ILE A 366 1.05 4.38 1.18
N SER A 367 0.58 3.72 2.22
CA SER A 367 -0.69 3.01 2.17
C SER A 367 -1.91 3.90 2.36
N ARG A 368 -3.07 3.27 2.18
CA ARG A 368 -4.38 3.88 2.38
C ARG A 368 -4.52 4.56 3.74
N ARG A 369 -3.88 4.00 4.75
CA ARG A 369 -4.00 4.52 6.12
C ARG A 369 -3.34 5.88 6.33
N VAL A 370 -2.43 6.26 5.43
CA VAL A 370 -1.73 7.54 5.51
C VAL A 370 -2.56 8.65 4.84
N PRO A 371 -3.10 9.58 5.64
CA PRO A 371 -3.83 10.67 4.99
C PRO A 371 -2.89 11.60 4.23
N ARG A 372 -3.42 12.22 3.18
CA ARG A 372 -2.67 13.20 2.39
C ARG A 372 -3.15 14.61 2.73
N VAL A 373 -2.22 15.44 3.16
CA VAL A 373 -2.49 16.85 3.45
C VAL A 373 -1.88 17.68 2.33
N TYR A 374 -2.60 18.71 1.88
CA TYR A 374 -2.23 19.46 0.67
C TYR A 374 -1.86 20.92 0.95
N PHE A 375 -0.76 21.35 0.34
CA PHE A 375 -0.22 22.70 0.54
C PHE A 375 -0.03 23.44 -0.78
N TYR A 376 -0.21 24.77 -0.73
CA TYR A 376 0.01 25.64 -1.88
C TYR A 376 0.44 27.03 -1.39
N ASP A 377 1.60 27.48 -1.86
CA ASP A 377 2.22 28.73 -1.41
C ASP A 377 2.43 28.78 0.12
N GLY A 378 2.73 27.61 0.70
CA GLY A 378 2.99 27.51 2.14
C GLY A 378 1.79 27.21 3.02
N ILE A 379 0.58 27.47 2.51
CA ILE A 379 -0.65 27.33 3.29
C ILE A 379 -1.37 26.02 2.96
N LYS A 380 -1.97 25.41 3.99
CA LYS A 380 -2.75 24.18 3.84
C LYS A 380 -4.12 24.51 3.24
N ILE A 381 -4.51 23.78 2.20
CA ILE A 381 -5.75 24.08 1.46
C ILE A 381 -6.73 22.90 1.35
N GLY A 382 -6.49 21.83 2.09
CA GLY A 382 -7.35 20.66 2.02
C GLY A 382 -6.64 19.40 2.45
N GLU A 383 -7.42 18.33 2.59
CA GLU A 383 -6.90 17.05 3.06
C GLU A 383 -7.78 15.90 2.60
N VAL A 384 -7.19 14.71 2.49
CA VAL A 384 -7.98 13.49 2.30
C VAL A 384 -7.54 12.42 3.29
N ASN A 385 -8.52 11.92 4.03
CA ASN A 385 -8.38 10.72 4.83
C ASN A 385 -9.17 9.64 4.10
N TYR A 386 -8.49 8.60 3.63
CA TYR A 386 -9.15 7.55 2.85
C TYR A 386 -10.08 6.66 3.68
N LEU A 387 -9.88 6.64 4.99
CA LEU A 387 -10.81 5.96 5.90
C LEU A 387 -12.06 6.82 6.09
N LYS A 388 -11.92 8.13 5.85
CA LYS A 388 -13.04 9.06 5.68
C LYS A 388 -13.94 9.16 6.92
N VAL B 1 -16.27 -16.69 -15.06
CA VAL B 1 -16.20 -15.62 -16.10
C VAL B 1 -14.78 -15.10 -16.24
N LYS B 2 -14.46 -14.58 -17.43
CA LYS B 2 -13.14 -14.02 -17.69
C LYS B 2 -13.03 -12.61 -17.10
N PHE B 3 -13.95 -11.74 -17.53
CA PHE B 3 -13.97 -10.34 -17.06
C PHE B 3 -15.35 -9.96 -16.56
N ASP B 4 -15.40 -8.89 -15.76
CA ASP B 4 -16.65 -8.41 -15.17
C ASP B 4 -16.57 -6.91 -14.87
N GLY B 5 -17.47 -6.41 -14.04
CA GLY B 5 -17.46 -5.00 -13.63
C GLY B 5 -16.29 -4.58 -12.76
N VAL B 6 -15.61 -5.56 -12.17
CA VAL B 6 -14.47 -5.31 -11.27
C VAL B 6 -13.14 -5.38 -12.00
N ARG B 7 -12.16 -4.61 -11.54
CA ARG B 7 -10.79 -4.64 -12.07
C ARG B 7 -10.30 -6.09 -12.16
N PRO B 8 -9.55 -6.43 -13.23
CA PRO B 8 -9.06 -7.80 -13.33
C PRO B 8 -8.17 -8.19 -12.15
N THR B 9 -7.24 -7.30 -11.78
CA THR B 9 -6.43 -7.48 -10.59
C THR B 9 -7.28 -7.15 -9.37
N ARG B 10 -7.43 -8.12 -8.48
CA ARG B 10 -8.38 -8.03 -7.37
C ARG B 10 -7.94 -8.90 -6.22
N VAL B 11 -8.60 -8.75 -5.09
CA VAL B 11 -8.41 -9.61 -3.94
C VAL B 11 -9.76 -10.21 -3.60
N GLU B 12 -9.86 -11.54 -3.67
CA GLU B 12 -11.06 -12.26 -3.28
C GLU B 12 -10.97 -12.61 -1.80
N VAL B 13 -11.89 -12.08 -1.00
CA VAL B 13 -11.88 -12.29 0.45
C VAL B 13 -12.99 -13.25 0.82
N TYR B 14 -12.62 -14.32 1.54
CA TYR B 14 -13.56 -15.36 1.92
C TYR B 14 -13.90 -15.22 3.40
N LEU B 15 -15.06 -14.60 3.67
CA LEU B 15 -15.46 -14.26 5.03
C LEU B 15 -15.75 -15.48 5.89
N ASP B 16 -16.31 -16.53 5.28
CA ASP B 16 -16.57 -17.77 6.01
C ASP B 16 -15.29 -18.49 6.48
N ALA B 17 -14.18 -18.26 5.78
CA ALA B 17 -12.88 -18.77 6.21
C ALA B 17 -12.36 -17.98 7.41
N ILE B 18 -12.56 -16.67 7.38
CA ILE B 18 -12.21 -15.80 8.50
C ILE B 18 -12.99 -16.20 9.75
N THR B 19 -14.30 -16.40 9.61
CA THR B 19 -15.12 -16.82 10.73
C THR B 19 -14.75 -18.22 11.20
N HIS B 20 -14.38 -19.09 10.26
CA HIS B 20 -13.89 -20.43 10.60
C HIS B 20 -12.61 -20.38 11.42
N ASN B 21 -11.66 -19.56 10.98
CA ASN B 21 -10.39 -19.36 11.70
C ASN B 21 -10.64 -18.79 13.09
N PHE B 22 -11.59 -17.87 13.19
CA PHE B 22 -12.02 -17.34 14.48
C PHE B 22 -12.55 -18.47 15.38
N ARG B 23 -13.34 -19.37 14.80
CA ARG B 23 -13.88 -20.50 15.57
C ARG B 23 -12.77 -21.48 16.01
N GLU B 24 -11.69 -21.57 15.24
CA GLU B 24 -10.53 -22.36 15.65
C GLU B 24 -9.90 -21.83 16.94
N ILE B 25 -9.92 -20.52 17.12
CA ILE B 25 -9.49 -19.91 18.37
C ILE B 25 -10.48 -20.28 19.48
N LYS B 26 -11.78 -20.26 19.17
CA LYS B 26 -12.82 -20.63 20.13
C LYS B 26 -12.62 -22.04 20.69
N LYS B 27 -12.19 -22.97 19.84
CA LYS B 27 -11.94 -24.35 20.27
C LYS B 27 -10.73 -24.42 21.20
N ILE B 28 -9.71 -23.62 20.90
CA ILE B 28 -8.46 -23.64 21.66
C ILE B 28 -8.68 -23.09 23.07
N VAL B 29 -9.16 -21.85 23.16
CA VAL B 29 -9.45 -21.26 24.47
C VAL B 29 -10.78 -21.81 24.99
N GLY B 30 -11.10 -21.51 26.24
CA GLY B 30 -12.31 -22.02 26.84
C GLY B 30 -13.57 -21.41 26.27
N LYS B 31 -14.68 -21.63 26.97
CA LYS B 31 -15.92 -20.89 26.76
C LYS B 31 -15.88 -19.60 27.60
N ASN B 32 -14.97 -19.57 28.57
CA ASN B 32 -14.88 -18.49 29.56
C ASN B 32 -13.87 -17.41 29.22
N VAL B 33 -13.12 -17.61 28.14
CA VAL B 33 -12.09 -16.67 27.70
C VAL B 33 -12.59 -15.89 26.48
N LYS B 34 -12.69 -14.58 26.62
CA LYS B 34 -13.20 -13.71 25.55
C LYS B 34 -12.18 -13.56 24.43
N ILE B 35 -12.65 -13.10 23.27
CA ILE B 35 -11.82 -12.97 22.08
C ILE B 35 -11.91 -11.55 21.52
N MET B 36 -10.75 -10.89 21.46
CA MET B 36 -10.62 -9.61 20.76
C MET B 36 -10.05 -9.89 19.38
N ALA B 37 -10.86 -9.72 18.34
CA ALA B 37 -10.36 -9.89 16.98
C ALA B 37 -9.57 -8.66 16.59
N VAL B 38 -8.27 -8.81 16.43
CA VAL B 38 -7.43 -7.71 15.96
C VAL B 38 -7.58 -7.59 14.44
N ILE B 39 -8.14 -6.47 13.99
CA ILE B 39 -8.35 -6.25 12.57
C ILE B 39 -7.76 -4.91 12.11
N LYS B 40 -6.67 -4.51 12.76
CA LYS B 40 -5.92 -3.32 12.35
C LYS B 40 -5.33 -3.51 10.96
N GLY B 41 -4.91 -2.41 10.35
CA GLY B 41 -4.43 -2.40 8.98
C GLY B 41 -5.52 -2.80 8.00
N ASP B 42 -6.70 -2.22 8.18
CA ASP B 42 -7.85 -2.55 7.34
C ASP B 42 -8.05 -4.08 7.27
N ALA B 43 -8.08 -4.69 8.45
CA ALA B 43 -8.19 -6.14 8.60
C ALA B 43 -7.11 -6.86 7.79
N TYR B 44 -5.86 -6.48 8.01
CA TYR B 44 -4.71 -7.05 7.30
C TYR B 44 -4.95 -7.10 5.79
N GLY B 45 -5.45 -5.99 5.25
CA GLY B 45 -5.72 -5.87 3.82
C GLY B 45 -6.99 -6.54 3.30
N HIS B 46 -7.81 -7.09 4.20
CA HIS B 46 -9.05 -7.76 3.80
C HIS B 46 -10.24 -6.80 3.75
N GLY B 47 -10.10 -5.64 4.37
CA GLY B 47 -11.19 -4.67 4.44
C GLY B 47 -11.89 -4.75 5.77
N ALA B 48 -11.70 -3.73 6.61
CA ALA B 48 -12.21 -3.76 7.98
C ALA B 48 -13.74 -3.79 8.03
N SER B 49 -14.38 -3.01 7.18
CA SER B 49 -15.84 -2.90 7.17
C SER B 49 -16.52 -4.28 7.09
N TYR B 50 -16.30 -4.99 5.98
CA TYR B 50 -16.93 -6.29 5.78
C TYR B 50 -16.49 -7.34 6.82
N VAL B 51 -15.21 -7.32 7.19
CA VAL B 51 -14.70 -8.33 8.11
C VAL B 51 -15.26 -8.11 9.53
N ALA B 52 -15.35 -6.86 9.96
CA ALA B 52 -15.90 -6.51 11.27
C ALA B 52 -17.40 -6.81 11.31
N LYS B 53 -18.07 -6.49 10.21
CA LYS B 53 -19.50 -6.77 10.05
C LYS B 53 -19.81 -8.26 10.30
N PHE B 54 -18.98 -9.15 9.77
CA PHE B 54 -19.21 -10.58 9.89
C PHE B 54 -18.67 -11.22 11.17
N LEU B 55 -17.60 -10.67 11.73
CA LEU B 55 -17.10 -11.14 13.03
C LEU B 55 -18.00 -10.69 14.18
N GLU B 56 -18.69 -9.56 13.98
CA GLU B 56 -19.73 -9.12 14.90
C GLU B 56 -20.88 -10.12 14.92
N LYS B 57 -21.36 -10.52 13.75
CA LYS B 57 -22.42 -11.53 13.67
C LYS B 57 -21.98 -12.84 14.28
N GLU B 58 -20.68 -13.14 14.16
CA GLU B 58 -20.10 -14.35 14.72
C GLU B 58 -20.08 -14.36 16.25
N GLY B 59 -20.17 -13.18 16.86
CA GLY B 59 -20.24 -13.06 18.31
C GLY B 59 -18.89 -12.80 18.95
N VAL B 60 -18.05 -12.03 18.26
CA VAL B 60 -16.75 -11.66 18.79
C VAL B 60 -16.97 -10.68 19.95
N ASP B 61 -16.11 -10.77 20.97
CA ASP B 61 -16.31 -10.02 22.21
C ASP B 61 -15.76 -8.59 22.18
N TYR B 62 -14.81 -8.34 21.27
CA TYR B 62 -14.11 -7.05 21.21
C TYR B 62 -13.39 -6.99 19.86
N PHE B 63 -13.13 -5.78 19.38
CA PHE B 63 -12.23 -5.57 18.23
C PHE B 63 -11.01 -4.77 18.66
N GLY B 64 -9.87 -5.04 18.03
CA GLY B 64 -8.64 -4.30 18.26
C GLY B 64 -8.17 -3.63 16.99
N VAL B 65 -8.00 -2.32 17.03
CA VAL B 65 -7.45 -1.57 15.89
C VAL B 65 -6.25 -0.75 16.33
N ALA B 66 -5.45 -0.34 15.35
CA ALA B 66 -4.21 0.37 15.64
C ALA B 66 -4.46 1.85 15.91
N THR B 67 -5.30 2.49 15.09
CA THR B 67 -5.44 3.94 15.10
C THR B 67 -6.87 4.42 15.37
N THR B 68 -6.98 5.68 15.79
CA THR B 68 -8.26 6.33 16.01
C THR B 68 -9.15 6.25 14.78
N GLU B 69 -8.54 6.47 13.61
CA GLU B 69 -9.28 6.54 12.37
C GLU B 69 -9.84 5.17 12.00
N GLU B 70 -9.12 4.12 12.37
CA GLU B 70 -9.62 2.75 12.20
C GLU B 70 -10.82 2.45 13.10
N ALA B 71 -10.80 3.01 14.31
CA ALA B 71 -11.91 2.81 15.25
C ALA B 71 -13.16 3.55 14.81
N LEU B 72 -12.99 4.79 14.37
CA LEU B 72 -14.11 5.59 13.89
C LEU B 72 -14.70 5.02 12.61
N GLU B 73 -13.84 4.43 11.78
CA GLU B 73 -14.27 3.79 10.55
C GLU B 73 -15.30 2.71 10.87
N LEU B 74 -14.95 1.82 11.81
CA LEU B 74 -15.87 0.78 12.25
C LEU B 74 -17.19 1.37 12.73
N ARG B 75 -17.11 2.31 13.67
CA ARG B 75 -18.31 2.95 14.25
C ARG B 75 -19.19 3.61 13.20
N GLU B 76 -18.57 4.20 12.19
CA GLU B 76 -19.30 4.91 11.14
C GLU B 76 -20.08 3.95 10.21
N LYS B 77 -19.66 2.68 10.17
CA LYS B 77 -20.38 1.65 9.41
C LYS B 77 -21.40 0.89 10.27
N GLY B 78 -21.65 1.35 11.50
CA GLY B 78 -22.68 0.79 12.36
C GLY B 78 -22.25 -0.32 13.30
N ILE B 79 -20.95 -0.54 13.45
CA ILE B 79 -20.44 -1.59 14.33
C ILE B 79 -20.66 -1.20 15.79
N LYS B 80 -21.26 -2.10 16.56
CA LYS B 80 -21.59 -1.87 17.96
C LYS B 80 -20.67 -2.61 18.93
N THR B 81 -19.97 -3.63 18.44
CA THR B 81 -19.00 -4.37 19.25
C THR B 81 -18.02 -3.38 19.91
N PRO B 82 -17.58 -3.69 21.15
CA PRO B 82 -16.54 -2.83 21.74
C PRO B 82 -15.25 -2.83 20.92
N ILE B 83 -14.61 -1.66 20.81
CA ILE B 83 -13.40 -1.48 20.01
C ILE B 83 -12.29 -0.85 20.85
N LEU B 84 -11.14 -1.54 20.92
CA LEU B 84 -9.94 -0.99 21.55
C LEU B 84 -8.98 -0.40 20.52
N ILE B 85 -8.56 0.84 20.75
CA ILE B 85 -7.51 1.48 19.97
C ILE B 85 -6.19 1.22 20.68
N PHE B 86 -5.31 0.46 20.03
CA PHE B 86 -3.99 0.17 20.60
C PHE B 86 -3.14 1.42 20.69
N GLY B 87 -3.15 2.22 19.63
CA GLY B 87 -2.25 3.38 19.51
C GLY B 87 -2.70 4.59 20.31
N TYR B 88 -2.12 5.73 19.96
CA TYR B 88 -2.30 6.97 20.70
C TYR B 88 -3.28 7.89 19.98
N THR B 89 -4.38 8.23 20.66
CA THR B 89 -5.31 9.22 20.15
C THR B 89 -4.88 10.58 20.70
N PRO B 90 -4.48 11.51 19.82
CA PRO B 90 -3.97 12.78 20.33
C PRO B 90 -5.05 13.61 21.05
N PRO B 91 -4.64 14.47 22.01
CA PRO B 91 -5.53 15.35 22.77
C PRO B 91 -6.54 16.13 21.92
N THR B 92 -6.16 16.42 20.67
CA THR B 92 -7.03 17.13 19.75
C THR B 92 -8.24 16.33 19.29
N GLN B 93 -8.20 15.01 19.40
CA GLN B 93 -9.26 14.14 18.87
C GLN B 93 -9.95 13.29 19.95
N LEU B 94 -9.89 13.72 21.21
CA LEU B 94 -10.49 12.95 22.30
C LEU B 94 -12.01 13.06 22.35
N ARG B 95 -12.56 14.12 21.76
CA ARG B 95 -14.02 14.27 21.69
C ARG B 95 -14.69 13.12 20.95
N GLN B 96 -14.05 12.64 19.88
CA GLN B 96 -14.63 11.60 19.02
C GLN B 96 -14.71 10.25 19.71
N ILE B 97 -13.62 9.87 20.37
CA ILE B 97 -13.54 8.56 21.03
C ILE B 97 -14.45 8.46 22.26
N VAL B 98 -14.78 9.59 22.86
CA VAL B 98 -15.75 9.65 23.95
C VAL B 98 -17.17 9.54 23.39
N LYS B 99 -17.42 10.24 22.28
CA LYS B 99 -18.74 10.26 21.66
C LYS B 99 -19.17 8.86 21.17
N HIS B 100 -18.24 8.12 20.59
CA HIS B 100 -18.55 6.81 20.02
C HIS B 100 -18.13 5.65 20.90
N ASP B 101 -17.91 5.91 22.20
CA ASP B 101 -17.62 4.87 23.18
C ASP B 101 -16.56 3.89 22.69
N LEU B 102 -15.40 4.44 22.31
CA LEU B 102 -14.25 3.65 21.91
C LEU B 102 -13.32 3.48 23.09
N THR B 103 -12.73 2.30 23.22
CA THR B 103 -11.82 2.01 24.32
C THR B 103 -10.41 2.48 23.96
N GLN B 104 -9.76 3.20 24.88
CA GLN B 104 -8.49 3.85 24.62
C GLN B 104 -7.35 3.28 25.47
N THR B 105 -6.21 3.04 24.83
CA THR B 105 -5.03 2.56 25.54
C THR B 105 -4.37 3.71 26.28
N VAL B 106 -4.15 3.52 27.59
CA VAL B 106 -3.56 4.56 28.42
C VAL B 106 -2.43 4.00 29.25
N TYR B 107 -1.32 4.74 29.32
CA TYR B 107 -0.22 4.38 30.20
C TYR B 107 0.49 5.60 30.80
N ASP B 108 -0.25 6.69 31.03
CA ASP B 108 0.26 7.80 31.84
C ASP B 108 -0.87 8.69 32.35
N ILE B 109 -0.69 9.21 33.57
CA ILE B 109 -1.71 9.96 34.29
C ILE B 109 -2.13 11.24 33.55
N LYS B 110 -1.17 11.95 32.96
CA LYS B 110 -1.46 13.19 32.24
C LYS B 110 -2.51 12.96 31.15
N TYR B 111 -2.33 11.88 30.39
CA TYR B 111 -3.24 11.51 29.31
C TYR B 111 -4.59 11.07 29.85
N ALA B 112 -4.57 10.28 30.93
CA ALA B 112 -5.80 9.87 31.61
C ALA B 112 -6.62 11.09 32.01
N LYS B 113 -5.98 12.04 32.69
CA LYS B 113 -6.62 13.29 33.10
C LYS B 113 -7.25 14.03 31.92
N GLU B 114 -6.53 14.09 30.81
CA GLU B 114 -7.05 14.73 29.59
C GLU B 114 -8.29 14.01 29.04
N LEU B 115 -8.24 12.69 29.04
CA LEU B 115 -9.36 11.87 28.57
C LEU B 115 -10.57 11.99 29.51
N GLU B 116 -10.32 12.04 30.82
CA GLU B 116 -11.40 12.19 31.80
C GLU B 116 -12.13 13.52 31.66
N LYS B 117 -11.39 14.58 31.39
CA LYS B 117 -11.96 15.93 31.23
C LYS B 117 -13.01 15.99 30.13
N GLU B 118 -12.70 15.38 28.97
CA GLU B 118 -13.65 15.30 27.87
C GLU B 118 -14.81 14.37 28.23
N SER B 119 -14.47 13.25 28.86
CA SER B 119 -15.45 12.28 29.35
C SER B 119 -16.50 12.95 30.26
N LEU B 120 -16.02 13.72 31.24
CA LEU B 120 -16.90 14.47 32.15
C LEU B 120 -17.71 15.53 31.41
N LYS B 121 -17.07 16.24 30.48
CA LYS B 121 -17.72 17.30 29.71
C LYS B 121 -18.98 16.80 28.97
N GLN B 122 -18.93 15.55 28.49
CA GLN B 122 -20.07 14.95 27.79
C GLN B 122 -21.01 14.16 28.71
N ASN B 123 -20.77 14.19 30.02
CA ASN B 123 -21.49 13.37 31.00
C ASN B 123 -21.45 11.90 30.63
N LYS B 124 -20.25 11.45 30.27
CA LYS B 124 -20.03 10.07 29.90
C LYS B 124 -18.80 9.54 30.64
N ARG B 125 -18.52 8.26 30.47
CA ARG B 125 -17.35 7.62 31.04
C ARG B 125 -16.59 6.92 29.93
N ALA B 126 -15.28 7.16 29.88
CA ALA B 126 -14.42 6.59 28.85
C ALA B 126 -13.82 5.28 29.34
N LYS B 127 -14.10 4.21 28.62
CA LYS B 127 -13.48 2.92 28.89
C LYS B 127 -12.00 2.98 28.47
N VAL B 128 -11.12 2.49 29.33
CA VAL B 128 -9.67 2.50 29.05
C VAL B 128 -9.02 1.16 29.37
N HIS B 129 -7.98 0.83 28.61
CA HIS B 129 -7.14 -0.34 28.86
C HIS B 129 -5.71 0.15 29.08
N ILE B 130 -5.10 -0.31 30.17
CA ILE B 130 -3.77 0.13 30.57
C ILE B 130 -2.69 -0.78 29.97
N LYS B 131 -1.79 -0.20 29.16
CA LYS B 131 -0.68 -0.96 28.58
C LYS B 131 0.46 -1.07 29.58
N ILE B 132 0.97 -2.28 29.74
CA ILE B 132 2.14 -2.52 30.58
C ILE B 132 3.26 -3.09 29.72
N ASP B 133 4.38 -2.39 29.69
CA ASP B 133 5.59 -2.87 29.02
C ASP B 133 6.26 -3.90 29.92
N THR B 134 6.27 -5.17 29.50
CA THR B 134 6.89 -6.24 30.30
C THR B 134 8.18 -6.77 29.69
N GLY B 135 8.61 -6.21 28.56
CA GLY B 135 9.79 -6.73 27.86
C GLY B 135 9.95 -6.30 26.42
N LEU B 136 8.85 -6.00 25.75
CA LEU B 136 8.88 -5.59 24.34
C LEU B 136 9.57 -4.24 24.15
N GLY B 137 9.41 -3.33 25.11
CA GLY B 137 10.04 -2.01 25.02
C GLY B 137 9.40 -1.10 23.97
N ARG B 138 8.13 -1.31 23.69
CA ARG B 138 7.41 -0.56 22.65
C ARG B 138 6.60 0.58 23.28
N ILE B 139 5.54 0.23 24.03
CA ILE B 139 4.77 1.21 24.80
C ILE B 139 4.26 0.57 26.08
N GLY B 140 3.82 1.41 27.02
CA GLY B 140 3.36 0.97 28.33
C GLY B 140 4.29 1.38 29.44
N TYR B 141 3.83 1.24 30.69
CA TYR B 141 4.67 1.51 31.86
C TYR B 141 5.83 0.54 31.90
N ILE B 142 7.04 1.07 32.06
CA ILE B 142 8.19 0.23 32.45
C ILE B 142 8.43 0.34 33.96
N ASP B 143 8.11 1.51 34.52
CA ASP B 143 8.17 1.73 35.96
C ASP B 143 6.91 1.19 36.62
N PHE B 144 7.00 -0.02 37.16
CA PHE B 144 5.86 -0.71 37.77
C PHE B 144 5.44 -0.10 39.10
N ASP B 145 6.36 0.61 39.74
CA ASP B 145 6.05 1.34 40.96
C ASP B 145 5.11 2.49 40.60
N LEU B 146 5.48 3.24 39.56
CA LEU B 146 4.65 4.31 39.03
C LEU B 146 3.32 3.76 38.54
N ALA B 147 3.40 2.68 37.76
CA ALA B 147 2.22 2.01 37.22
C ALA B 147 1.14 1.91 38.29
N GLN B 148 1.48 1.30 39.42
CA GLN B 148 0.53 1.14 40.53
C GLN B 148 -0.01 2.49 41.01
N LYS B 149 0.88 3.45 41.23
CA LYS B 149 0.52 4.77 41.76
C LYS B 149 -0.50 5.48 40.88
N GLU B 150 -0.26 5.44 39.57
CA GLU B 150 -1.10 6.16 38.60
C GLU B 150 -2.41 5.41 38.31
N ILE B 151 -2.39 4.09 38.41
CA ILE B 151 -3.58 3.28 38.19
C ILE B 151 -4.60 3.46 39.32
N LEU B 152 -4.11 3.59 40.55
CA LEU B 152 -4.97 3.83 41.70
C LEU B 152 -5.62 5.22 41.63
N GLU B 153 -4.87 6.20 41.13
CA GLU B 153 -5.45 7.50 40.81
C GLU B 153 -6.62 7.34 39.83
N MET B 154 -6.39 6.58 38.76
CA MET B 154 -7.38 6.37 37.72
C MET B 154 -8.63 5.65 38.21
N ALA B 155 -8.47 4.79 39.21
CA ALA B 155 -9.61 4.10 39.82
C ALA B 155 -10.54 5.08 40.54
N ASN B 156 -9.97 6.15 41.11
CA ASN B 156 -10.76 7.20 41.75
C ASN B 156 -11.12 8.33 40.77
N MET B 157 -10.94 8.09 39.48
CA MET B 157 -11.37 9.04 38.47
C MET B 157 -12.68 8.53 37.89
N ARG B 158 -13.78 9.15 38.31
CA ARG B 158 -15.12 8.73 37.94
C ARG B 158 -15.47 8.96 36.47
N GLY B 159 -14.64 9.69 35.73
CA GLY B 159 -14.85 9.87 34.30
C GLY B 159 -14.18 8.82 33.43
N LEU B 160 -13.44 7.89 34.05
CA LEU B 160 -12.86 6.77 33.33
C LEU B 160 -13.39 5.45 33.88
N ILE B 161 -13.53 4.46 32.99
CA ILE B 161 -13.84 3.10 33.37
C ILE B 161 -12.58 2.28 33.14
N LEU B 162 -11.99 1.82 34.23
CA LEU B 162 -10.74 1.06 34.19
C LEU B 162 -11.06 -0.39 33.84
N GLU B 163 -11.39 -0.62 32.57
CA GLU B 163 -11.90 -1.92 32.12
C GLU B 163 -10.79 -2.95 31.94
N GLY B 164 -9.72 -2.56 31.25
CA GLY B 164 -8.69 -3.53 30.91
C GLY B 164 -7.30 -3.16 31.34
N ILE B 165 -6.43 -4.16 31.31
CA ILE B 165 -5.00 -3.98 31.54
C ILE B 165 -4.30 -5.04 30.70
N TYR B 166 -3.26 -4.66 29.98
CA TYR B 166 -2.62 -5.63 29.08
C TYR B 166 -1.16 -5.33 28.77
N SER B 167 -0.49 -6.38 28.31
CA SER B 167 0.89 -6.30 27.84
C SER B 167 0.98 -7.13 26.57
N HIS B 168 2.20 -7.34 26.07
CA HIS B 168 2.42 -7.95 24.77
C HIS B 168 3.76 -8.70 24.76
N PHE B 169 3.78 -9.90 24.18
CA PHE B 169 5.00 -10.70 24.13
C PHE B 169 5.95 -10.18 23.06
N ALA B 170 7.25 -10.29 23.31
CA ALA B 170 8.28 -9.81 22.39
C ALA B 170 8.81 -10.91 21.47
N ALA B 171 8.72 -12.17 21.91
CA ALA B 171 9.29 -13.26 21.15
C ALA B 171 8.48 -14.54 21.27
N ALA B 172 7.15 -14.42 21.12
CA ALA B 172 6.28 -15.59 21.06
C ALA B 172 6.47 -16.36 19.76
N SER B 173 6.81 -15.64 18.68
CA SER B 173 7.04 -16.25 17.37
C SER B 173 8.36 -17.01 17.28
N GLU B 174 9.40 -16.46 17.90
CA GLU B 174 10.70 -17.13 17.96
C GLU B 174 10.68 -18.33 18.92
N ASP B 175 9.56 -18.50 19.65
CA ASP B 175 9.36 -19.63 20.55
C ASP B 175 10.34 -19.60 21.73
N ASP B 176 10.54 -18.40 22.28
CA ASP B 176 11.40 -18.19 23.43
C ASP B 176 10.57 -18.36 24.71
N ARG B 177 10.56 -19.58 25.23
CA ARG B 177 9.69 -19.94 26.35
C ARG B 177 10.08 -19.19 27.62
N ASP B 178 11.39 -19.11 27.88
CA ASP B 178 11.90 -18.47 29.09
C ASP B 178 11.48 -17.01 29.15
N TYR B 179 11.77 -16.27 28.08
CA TYR B 179 11.47 -14.83 28.04
C TYR B 179 9.97 -14.57 28.07
N CYS B 180 9.19 -15.52 27.56
CA CYS B 180 7.73 -15.42 27.61
C CYS B 180 7.22 -15.61 29.04
N LYS B 181 7.75 -16.59 29.76
CA LYS B 181 7.38 -16.80 31.17
C LYS B 181 7.85 -15.63 32.02
N GLU B 182 9.03 -15.10 31.69
CA GLU B 182 9.56 -13.91 32.34
C GLU B 182 8.60 -12.74 32.17
N GLN B 183 8.15 -12.52 30.94
CA GLN B 183 7.19 -11.44 30.64
C GLN B 183 5.86 -11.64 31.36
N PHE B 184 5.32 -12.85 31.25
CA PHE B 184 4.06 -13.21 31.89
C PHE B 184 4.13 -13.02 33.41
N ASP B 185 5.17 -13.56 34.04
CA ASP B 185 5.35 -13.45 35.50
C ASP B 185 5.36 -12.00 35.98
N LYS B 186 6.12 -11.13 35.30
CA LYS B 186 6.14 -9.71 35.65
C LYS B 186 4.72 -9.13 35.62
N PHE B 187 4.02 -9.42 34.53
CA PHE B 187 2.65 -8.97 34.35
C PHE B 187 1.79 -9.45 35.53
N MET B 188 1.80 -10.74 35.81
CA MET B 188 0.97 -11.30 36.88
C MET B 188 1.37 -10.81 38.28
N ASN B 189 2.66 -10.60 38.49
CA ASN B 189 3.15 -10.02 39.73
C ASN B 189 2.60 -8.62 39.95
N LEU B 190 2.59 -7.82 38.89
CA LEU B 190 1.96 -6.50 38.92
C LEU B 190 0.48 -6.63 39.24
N ILE B 191 -0.20 -7.58 38.61
CA ILE B 191 -1.62 -7.82 38.88
C ILE B 191 -1.83 -8.11 40.38
N SER B 192 -1.02 -9.03 40.92
CA SER B 192 -1.13 -9.41 42.33
C SER B 192 -0.95 -8.23 43.28
N SER B 193 0.00 -7.35 42.98
CA SER B 193 0.23 -6.15 43.78
C SER B 193 -1.00 -5.26 43.83
N LEU B 194 -1.63 -5.05 42.67
CA LEU B 194 -2.82 -4.21 42.58
C LEU B 194 -4.01 -4.76 43.35
N GLU B 195 -4.16 -6.08 43.37
CA GLU B 195 -5.24 -6.72 44.12
C GLU B 195 -5.10 -6.49 45.62
N LYS B 196 -3.85 -6.48 46.10
CA LYS B 196 -3.56 -6.22 47.51
C LYS B 196 -3.75 -4.75 47.89
N LYS B 197 -3.85 -3.88 46.87
CA LYS B 197 -4.27 -2.50 47.07
C LYS B 197 -5.78 -2.35 46.86
N ARG B 198 -6.50 -3.48 46.90
CA ARG B 198 -7.95 -3.53 46.67
C ARG B 198 -8.34 -2.92 45.30
N LEU B 199 -7.70 -3.41 44.24
CA LEU B 199 -8.03 -3.01 42.88
C LEU B 199 -7.97 -4.19 41.92
N LYS B 200 -9.11 -4.51 41.31
CA LYS B 200 -9.21 -5.58 40.32
C LYS B 200 -9.60 -4.96 38.98
N ILE B 201 -9.08 -5.53 37.89
CA ILE B 201 -9.43 -5.11 36.55
C ILE B 201 -10.02 -6.31 35.80
N PRO B 202 -11.22 -6.16 35.23
CA PRO B 202 -11.93 -7.32 34.65
C PRO B 202 -11.33 -7.92 33.36
N LEU B 203 -10.68 -7.09 32.54
CA LEU B 203 -10.11 -7.56 31.28
C LEU B 203 -8.58 -7.56 31.30
N LYS B 204 -8.02 -8.66 31.78
CA LYS B 204 -6.58 -8.89 31.73
C LYS B 204 -6.25 -9.73 30.50
N HIS B 205 -5.29 -9.26 29.70
CA HIS B 205 -4.91 -9.99 28.50
C HIS B 205 -3.47 -9.72 28.07
N ILE B 206 -2.85 -10.73 27.48
CA ILE B 206 -1.46 -10.65 27.02
C ILE B 206 -1.17 -11.47 25.76
N ALA B 207 -1.93 -12.53 25.54
CA ALA B 207 -1.65 -13.48 24.45
C ALA B 207 -2.04 -12.95 23.07
N ASN B 208 -1.02 -12.71 22.25
CA ASN B 208 -1.19 -12.54 20.81
C ASN B 208 -1.29 -13.94 20.20
N ALA B 209 -1.34 -14.02 18.87
CA ALA B 209 -1.66 -15.28 18.18
C ALA B 209 -0.72 -16.46 18.50
N ALA B 210 0.58 -16.21 18.57
CA ALA B 210 1.55 -17.29 18.85
C ALA B 210 1.41 -17.83 20.27
N ALA B 211 1.23 -16.93 21.23
CA ALA B 211 1.02 -17.29 22.63
C ALA B 211 -0.33 -18.00 22.89
N ILE B 212 -1.30 -17.80 22.01
CA ILE B 212 -2.59 -18.49 22.14
C ILE B 212 -2.41 -20.00 21.98
N LEU B 213 -1.61 -20.39 20.99
CA LEU B 213 -1.49 -21.80 20.59
C LEU B 213 -0.45 -22.56 21.40
N ASN B 214 0.65 -21.90 21.73
CA ASN B 214 1.78 -22.53 22.42
C ASN B 214 1.71 -22.38 23.95
N LEU B 215 1.25 -21.22 24.42
CA LEU B 215 1.26 -20.88 25.86
C LEU B 215 -0.15 -20.87 26.46
N ASN B 216 -0.62 -22.02 26.93
CA ASN B 216 -1.96 -22.15 27.51
C ASN B 216 -2.17 -21.26 28.73
N TYR B 217 -1.12 -21.08 29.52
CA TYR B 217 -1.19 -20.25 30.73
C TYR B 217 -1.50 -18.76 30.45
N SER B 218 -1.26 -18.30 29.22
CA SER B 218 -1.33 -16.88 28.88
C SER B 218 -2.70 -16.39 28.39
N HIS B 219 -3.74 -17.15 28.67
CA HIS B 219 -5.07 -16.85 28.13
C HIS B 219 -5.79 -15.78 28.96
N LEU B 220 -5.71 -15.91 30.28
CA LEU B 220 -6.31 -14.94 31.19
C LEU B 220 -7.79 -14.70 30.89
N ASP B 221 -8.23 -13.44 30.85
CA ASP B 221 -9.64 -13.11 30.63
C ASP B 221 -9.97 -12.96 29.16
N MET B 222 -9.00 -12.52 28.36
CA MET B 222 -9.22 -12.25 26.95
C MET B 222 -7.97 -12.57 26.14
N VAL B 223 -8.18 -12.80 24.85
CA VAL B 223 -7.14 -13.22 23.92
C VAL B 223 -7.25 -12.38 22.63
N ARG B 224 -6.12 -12.16 21.95
CA ARG B 224 -6.01 -11.18 20.87
C ARG B 224 -5.48 -11.74 19.56
N PRO B 225 -6.24 -12.63 18.89
CA PRO B 225 -5.80 -13.13 17.58
C PRO B 225 -5.83 -12.08 16.47
N GLY B 226 -4.86 -12.15 15.56
CA GLY B 226 -4.79 -11.26 14.41
C GLY B 226 -4.54 -12.02 13.12
N ILE B 227 -3.26 -12.16 12.76
CA ILE B 227 -2.87 -12.86 11.53
C ILE B 227 -3.44 -14.27 11.42
N ILE B 228 -3.64 -14.96 12.55
CA ILE B 228 -4.24 -16.30 12.56
C ILE B 228 -5.66 -16.30 11.97
N LEU B 229 -6.40 -15.22 12.18
CA LEU B 229 -7.76 -15.10 11.66
C LEU B 229 -7.81 -15.02 10.13
N PHE B 230 -6.66 -14.78 9.50
CA PHE B 230 -6.58 -14.67 8.04
C PHE B 230 -5.69 -15.74 7.42
N GLY B 231 -5.76 -16.94 7.99
CA GLY B 231 -5.21 -18.15 7.36
C GLY B 231 -3.69 -18.28 7.30
N ALA B 232 -2.99 -17.42 8.03
CA ALA B 232 -1.54 -17.44 8.07
C ALA B 232 -1.09 -17.75 9.49
N TYR B 233 -0.14 -18.67 9.63
CA TYR B 233 0.39 -19.01 10.95
C TYR B 233 1.28 -17.89 11.50
N PRO B 234 1.18 -17.61 12.82
CA PRO B 234 1.98 -16.53 13.42
C PRO B 234 3.44 -16.91 13.66
N SER B 235 3.72 -18.20 13.77
CA SER B 235 5.09 -18.69 13.86
C SER B 235 5.28 -19.88 12.93
N LYS B 236 6.55 -20.19 12.66
CA LYS B 236 6.91 -21.40 11.96
C LYS B 236 6.98 -22.55 12.95
N ARG B 237 7.21 -22.22 14.22
CA ARG B 237 7.62 -23.19 15.23
C ARG B 237 6.47 -23.68 16.12
N VAL B 238 5.23 -23.49 15.67
CA VAL B 238 4.06 -23.71 16.53
C VAL B 238 3.70 -25.18 16.78
N GLU B 239 3.24 -25.43 18.00
CA GLU B 239 2.64 -26.71 18.39
C GLU B 239 1.15 -26.59 18.09
N ARG B 240 0.36 -27.55 18.56
CA ARG B 240 -1.10 -27.51 18.47
C ARG B 240 -1.59 -27.52 17.01
N LYS B 241 -2.29 -28.60 16.64
CA LYS B 241 -2.87 -28.69 15.30
C LYS B 241 -4.12 -27.82 15.23
N VAL B 242 -4.25 -27.07 14.15
CA VAL B 242 -5.44 -26.28 13.88
C VAL B 242 -5.77 -26.33 12.40
N GLU B 243 -7.05 -26.15 12.08
CA GLU B 243 -7.52 -26.15 10.71
C GLU B 243 -7.68 -24.71 10.21
N LEU B 244 -6.61 -24.15 9.64
CA LEU B 244 -6.68 -22.82 9.03
C LEU B 244 -7.12 -22.90 7.58
N ARG B 245 -8.15 -22.13 7.23
CA ARG B 245 -8.63 -22.05 5.84
C ARG B 245 -8.14 -20.78 5.18
N GLU B 246 -7.99 -20.84 3.86
CA GLU B 246 -7.46 -19.74 3.08
C GLU B 246 -8.51 -18.65 2.98
N THR B 247 -8.14 -17.44 3.41
CA THR B 247 -9.08 -16.31 3.50
C THR B 247 -8.95 -15.33 2.35
N LEU B 248 -7.77 -15.27 1.73
CA LEU B 248 -7.51 -14.30 0.68
C LEU B 248 -6.91 -14.97 -0.56
N ARG B 249 -7.37 -14.51 -1.73
CA ARG B 249 -6.78 -14.90 -2.99
C ARG B 249 -6.51 -13.64 -3.81
N PHE B 250 -5.23 -13.36 -4.01
CA PHE B 250 -4.79 -12.21 -4.78
C PHE B 250 -4.63 -12.69 -6.23
N THR B 251 -5.57 -12.28 -7.09
CA THR B 251 -5.62 -12.81 -8.47
C THR B 251 -5.64 -11.70 -9.52
N THR B 252 -5.20 -12.06 -10.73
CA THR B 252 -5.29 -11.18 -11.88
C THR B 252 -5.65 -12.00 -13.12
N ARG B 253 -5.68 -11.35 -14.28
CA ARG B 253 -6.10 -11.98 -15.53
C ARG B 253 -5.07 -11.78 -16.63
N VAL B 254 -5.05 -12.71 -17.59
CA VAL B 254 -4.21 -12.57 -18.77
C VAL B 254 -4.82 -11.48 -19.66
N VAL B 255 -4.00 -10.51 -20.03
CA VAL B 255 -4.47 -9.36 -20.79
C VAL B 255 -3.92 -9.40 -22.22
N HIS B 256 -2.65 -9.77 -22.38
CA HIS B 256 -2.05 -9.92 -23.71
C HIS B 256 -1.29 -11.22 -23.82
N LEU B 257 -1.42 -11.86 -24.98
CA LEU B 257 -0.63 -13.05 -25.33
C LEU B 257 0.12 -12.76 -26.60
N LYS B 258 1.32 -13.32 -26.73
CA LYS B 258 2.07 -13.23 -27.98
C LYS B 258 3.08 -14.35 -28.10
N ASP B 259 3.30 -14.81 -29.33
CA ASP B 259 4.37 -15.74 -29.64
C ASP B 259 5.63 -14.93 -29.93
N VAL B 260 6.75 -15.36 -29.38
CA VAL B 260 8.04 -14.71 -29.62
C VAL B 260 9.12 -15.76 -29.85
N PRO B 261 10.12 -15.44 -30.69
CA PRO B 261 11.21 -16.37 -30.94
C PRO B 261 12.23 -16.34 -29.79
N ALA B 262 13.31 -17.10 -29.94
CA ALA B 262 14.45 -17.01 -29.04
C ALA B 262 15.14 -15.67 -29.23
N GLY B 263 15.95 -15.27 -28.24
CA GLY B 263 16.65 -13.99 -28.27
C GLY B 263 15.73 -12.78 -28.18
N PHE B 264 14.53 -12.97 -27.62
CA PHE B 264 13.57 -11.89 -27.47
C PHE B 264 13.67 -11.28 -26.08
N PHE B 265 14.14 -10.03 -26.02
CA PHE B 265 14.29 -9.32 -24.76
C PHE B 265 12.94 -8.91 -24.16
N ILE B 266 12.82 -9.06 -22.84
CA ILE B 266 11.57 -8.72 -22.13
C ILE B 266 11.84 -7.79 -20.96
N GLY B 267 11.00 -6.78 -20.80
CA GLY B 267 11.02 -5.91 -19.63
C GLY B 267 12.16 -4.92 -19.61
N TYR B 268 12.12 -4.04 -18.60
CA TYR B 268 13.10 -2.96 -18.49
C TYR B 268 14.53 -3.48 -18.38
N GLY B 269 15.46 -2.71 -18.94
CA GLY B 269 16.88 -3.02 -18.87
C GLY B 269 17.30 -4.29 -19.59
N LYS B 270 16.41 -4.85 -20.40
CA LYS B 270 16.64 -6.11 -21.11
C LYS B 270 17.12 -7.20 -20.14
N SER B 271 16.47 -7.29 -18.98
CA SER B 271 16.92 -8.15 -17.89
C SER B 271 16.70 -9.64 -18.16
N PHE B 272 15.68 -9.96 -18.96
CA PHE B 272 15.42 -11.34 -19.38
C PHE B 272 15.43 -11.43 -20.89
N VAL B 273 15.86 -12.59 -21.39
CA VAL B 273 15.83 -12.88 -22.80
C VAL B 273 15.46 -14.35 -22.97
N THR B 274 14.68 -14.64 -24.01
CA THR B 274 14.18 -15.99 -24.23
C THR B 274 15.30 -16.90 -24.73
N LYS B 275 15.23 -18.17 -24.32
CA LYS B 275 16.20 -19.20 -24.73
C LYS B 275 15.56 -20.17 -25.73
N ARG B 276 14.36 -19.83 -26.18
CA ARG B 276 13.58 -20.73 -27.03
C ARG B 276 12.44 -19.94 -27.66
N LYS B 277 11.70 -20.56 -28.59
CA LYS B 277 10.47 -19.97 -29.07
C LYS B 277 9.46 -20.05 -27.93
N SER B 278 8.91 -18.90 -27.54
CA SER B 278 8.11 -18.80 -26.32
C SER B 278 6.77 -18.09 -26.54
N VAL B 279 5.82 -18.43 -25.67
CA VAL B 279 4.53 -17.75 -25.61
C VAL B 279 4.53 -16.96 -24.31
N ILE B 280 4.45 -15.63 -24.42
CA ILE B 280 4.54 -14.75 -23.26
C ILE B 280 3.21 -14.03 -23.04
N ALA B 281 2.76 -13.97 -21.79
CA ALA B 281 1.53 -13.27 -21.44
C ALA B 281 1.82 -12.05 -20.56
N THR B 282 1.02 -10.99 -20.73
CA THR B 282 1.11 -9.81 -19.88
C THR B 282 -0.10 -9.77 -18.95
N ILE B 283 0.17 -9.47 -17.68
CA ILE B 283 -0.87 -9.39 -16.65
C ILE B 283 -0.84 -8.02 -16.00
N PRO B 284 -2.03 -7.41 -15.76
CA PRO B 284 -2.13 -6.03 -15.29
C PRO B 284 -1.98 -5.87 -13.76
N VAL B 285 -0.86 -6.35 -13.22
CA VAL B 285 -0.54 -6.19 -11.81
C VAL B 285 0.94 -5.80 -11.67
N GLY B 286 1.20 -4.79 -10.84
CA GLY B 286 2.57 -4.32 -10.62
C GLY B 286 2.85 -4.03 -9.16
N TYR B 287 3.95 -3.33 -8.91
CA TYR B 287 4.37 -3.03 -7.53
C TYR B 287 3.53 -1.95 -6.86
N ALA B 288 2.85 -1.12 -7.65
CA ALA B 288 1.88 -0.17 -7.09
C ALA B 288 0.64 -0.89 -6.52
N ASP B 289 0.46 -2.14 -6.92
CA ASP B 289 -0.62 -2.99 -6.39
C ASP B 289 -0.17 -3.87 -5.22
N GLY B 290 1.13 -3.84 -4.89
CA GLY B 290 1.67 -4.62 -3.78
C GLY B 290 2.45 -5.86 -4.20
N LEU B 291 2.68 -6.03 -5.50
CA LEU B 291 3.57 -7.09 -5.99
C LEU B 291 5.01 -6.57 -5.98
N ASP B 292 5.81 -7.06 -5.03
CA ASP B 292 7.16 -6.53 -4.81
C ASP B 292 8.02 -6.61 -6.07
N ARG B 293 8.77 -5.54 -6.31
CA ARG B 293 9.65 -5.43 -7.46
C ARG B 293 10.79 -6.46 -7.42
N ARG B 294 11.18 -6.89 -6.22
CA ARG B 294 12.22 -7.90 -6.07
C ARG B 294 11.78 -9.31 -6.48
N LEU B 295 10.50 -9.46 -6.85
CA LEU B 295 10.04 -10.72 -7.45
C LEU B 295 10.35 -10.80 -8.94
N SER B 296 10.84 -9.70 -9.51
CA SER B 296 11.33 -9.68 -10.88
C SER B 296 12.28 -10.85 -11.09
N ASN B 297 11.92 -11.76 -11.99
CA ASN B 297 12.78 -12.89 -12.35
C ASN B 297 13.15 -13.82 -11.18
N ASN B 298 12.27 -13.95 -10.18
CA ASN B 298 12.41 -14.97 -9.14
C ASN B 298 11.13 -15.16 -8.30
N TYR B 299 10.03 -15.42 -9.00
CA TYR B 299 8.82 -15.96 -8.37
C TYR B 299 7.97 -16.64 -9.44
N LYS B 300 7.04 -17.48 -9.02
CA LYS B 300 6.16 -18.17 -9.94
C LYS B 300 4.71 -18.03 -9.52
N LEU B 301 3.88 -17.52 -10.43
CA LEU B 301 2.45 -17.40 -10.20
C LEU B 301 1.79 -18.69 -10.70
N LEU B 302 0.52 -18.88 -10.34
CA LEU B 302 -0.24 -20.07 -10.77
C LEU B 302 -1.20 -19.72 -11.89
N LEU B 303 -1.16 -20.50 -12.97
CA LEU B 303 -2.07 -20.34 -14.10
C LEU B 303 -2.57 -21.71 -14.52
N LYS B 304 -3.88 -21.89 -14.54
CA LYS B 304 -4.48 -23.19 -14.80
C LYS B 304 -3.83 -24.28 -13.94
N GLY B 305 -3.60 -23.97 -12.66
CA GLY B 305 -3.03 -24.92 -11.71
C GLY B 305 -1.56 -25.26 -11.90
N LYS B 306 -0.86 -24.52 -12.76
CA LYS B 306 0.55 -24.79 -13.02
C LYS B 306 1.39 -23.54 -12.77
N TYR B 307 2.61 -23.76 -12.30
CA TYR B 307 3.52 -22.68 -11.96
C TYR B 307 4.07 -22.04 -13.22
N VAL B 308 3.99 -20.70 -13.30
CA VAL B 308 4.54 -19.95 -14.44
C VAL B 308 5.44 -18.85 -13.90
N PRO B 309 6.69 -18.76 -14.42
CA PRO B 309 7.64 -17.81 -13.87
C PRO B 309 7.42 -16.39 -14.36
N ILE B 310 7.64 -15.42 -13.48
CA ILE B 310 7.64 -14.01 -13.84
C ILE B 310 8.93 -13.72 -14.58
N VAL B 311 8.80 -13.15 -15.78
CA VAL B 311 9.97 -12.88 -16.62
C VAL B 311 10.14 -11.39 -16.82
N GLY B 312 11.38 -10.93 -16.75
CA GLY B 312 11.70 -9.52 -16.84
C GLY B 312 11.38 -8.78 -15.55
N ARG B 313 11.41 -7.45 -15.63
CA ARG B 313 11.17 -6.60 -14.47
C ARG B 313 9.68 -6.46 -14.21
N VAL B 314 9.32 -6.42 -12.92
CA VAL B 314 7.96 -6.10 -12.53
C VAL B 314 7.79 -4.60 -12.69
N CYS B 315 6.86 -4.20 -13.54
CA CYS B 315 6.58 -2.77 -13.76
C CYS B 315 5.63 -2.30 -12.67
N MET B 316 5.33 -1.01 -12.69
CA MET B 316 4.49 -0.40 -11.67
C MET B 316 3.06 -0.94 -11.68
N ASP B 317 2.52 -1.20 -12.87
CA ASP B 317 1.14 -1.66 -13.03
C ASP B 317 1.00 -2.98 -13.79
N GLN B 318 2.12 -3.62 -14.13
CA GLN B 318 2.06 -4.84 -14.94
C GLN B 318 3.38 -5.61 -14.93
N CYS B 319 3.29 -6.86 -15.35
CA CYS B 319 4.48 -7.68 -15.54
C CYS B 319 4.17 -8.84 -16.49
N MET B 320 5.21 -9.54 -16.92
CA MET B 320 5.07 -10.59 -17.90
C MET B 320 5.38 -11.95 -17.30
N ILE B 321 4.69 -12.97 -17.79
CA ILE B 321 4.91 -14.36 -17.38
C ILE B 321 5.14 -15.27 -18.58
N ASP B 322 6.00 -16.26 -18.41
CA ASP B 322 6.24 -17.25 -19.44
C ASP B 322 5.18 -18.34 -19.32
N VAL B 323 4.34 -18.47 -20.34
CA VAL B 323 3.22 -19.43 -20.33
C VAL B 323 3.38 -20.55 -21.37
N THR B 324 4.59 -20.68 -21.93
CA THR B 324 4.86 -21.63 -23.00
C THR B 324 4.42 -23.05 -22.64
N ASP B 325 4.82 -23.50 -21.46
CA ASP B 325 4.59 -24.88 -21.02
C ASP B 325 3.13 -25.17 -20.62
N VAL B 326 2.31 -24.11 -20.49
CA VAL B 326 0.89 -24.25 -20.16
C VAL B 326 0.08 -24.26 -21.45
N GLU B 327 -0.72 -25.30 -21.66
CA GLU B 327 -1.53 -25.43 -22.87
C GLU B 327 -2.88 -24.73 -22.74
N GLY B 328 -3.39 -24.24 -23.87
CA GLY B 328 -4.73 -23.69 -23.96
C GLY B 328 -4.92 -22.38 -23.22
N VAL B 329 -3.88 -21.57 -23.15
CA VAL B 329 -3.91 -20.29 -22.44
C VAL B 329 -4.59 -19.25 -23.35
N GLU B 330 -5.68 -18.68 -22.84
CA GLU B 330 -6.45 -17.66 -23.56
C GLU B 330 -6.48 -16.35 -22.77
N ILE B 331 -6.98 -15.29 -23.40
CA ILE B 331 -7.15 -14.01 -22.75
C ILE B 331 -8.28 -14.13 -21.71
N GLY B 332 -8.02 -13.66 -20.50
CA GLY B 332 -8.99 -13.71 -19.42
C GLY B 332 -8.83 -14.88 -18.44
N ASP B 333 -7.83 -15.73 -18.67
CA ASP B 333 -7.53 -16.84 -17.76
C ASP B 333 -7.03 -16.29 -16.43
N GLU B 334 -7.50 -16.90 -15.34
CA GLU B 334 -7.14 -16.47 -13.99
C GLU B 334 -5.69 -16.81 -13.65
N VAL B 335 -4.96 -15.81 -13.15
CA VAL B 335 -3.64 -16.02 -12.59
C VAL B 335 -3.69 -15.67 -11.09
N VAL B 336 -3.25 -16.61 -10.25
CA VAL B 336 -3.21 -16.39 -8.81
C VAL B 336 -1.82 -15.95 -8.36
N ILE B 337 -1.77 -14.82 -7.66
CA ILE B 337 -0.54 -14.25 -7.14
C ILE B 337 -0.28 -14.77 -5.73
N ILE B 338 -1.34 -14.77 -4.91
CA ILE B 338 -1.34 -15.38 -3.59
C ILE B 338 -2.59 -16.22 -3.47
N GLY B 339 -2.46 -17.45 -2.97
CA GLY B 339 -3.62 -18.30 -2.71
C GLY B 339 -3.65 -19.58 -3.51
N THR B 340 -4.80 -20.24 -3.51
CA THR B 340 -4.94 -21.59 -4.06
C THR B 340 -5.59 -21.59 -5.44
N GLN B 341 -5.15 -22.50 -6.31
CA GLN B 341 -5.73 -22.70 -7.63
C GLN B 341 -5.46 -24.15 -8.07
N ASN B 342 -6.53 -24.94 -8.19
CA ASN B 342 -6.44 -26.33 -8.65
C ASN B 342 -5.34 -27.17 -7.96
N ASN B 343 -5.60 -27.58 -6.72
CA ASN B 343 -4.68 -28.46 -5.97
C ASN B 343 -3.27 -27.90 -5.80
N GLU B 344 -3.14 -26.58 -5.83
CA GLU B 344 -1.83 -25.93 -5.80
C GLU B 344 -1.96 -24.57 -5.14
N THR B 345 -1.04 -24.28 -4.22
CA THR B 345 -1.09 -23.04 -3.47
C THR B 345 0.24 -22.29 -3.55
N VAL B 346 0.15 -20.99 -3.82
CA VAL B 346 1.26 -20.06 -3.61
C VAL B 346 0.87 -19.21 -2.41
N SER B 347 1.22 -19.69 -1.22
CA SER B 347 0.74 -19.08 0.02
C SER B 347 1.36 -17.72 0.28
N VAL B 348 0.73 -16.97 1.17
CA VAL B 348 1.23 -15.67 1.63
C VAL B 348 2.54 -15.86 2.41
N GLU B 349 2.68 -17.01 3.07
CA GLU B 349 3.88 -17.33 3.82
C GLU B 349 5.06 -17.59 2.88
N SER B 350 4.79 -18.24 1.75
CA SER B 350 5.83 -18.51 0.74
C SER B 350 6.37 -17.23 0.13
N MET B 351 5.49 -16.25 -0.13
CA MET B 351 5.91 -14.97 -0.65
C MET B 351 6.63 -14.14 0.41
N ALA B 352 6.12 -14.18 1.64
CA ALA B 352 6.79 -13.54 2.77
C ALA B 352 8.23 -14.02 2.87
N ASP B 353 8.42 -15.34 2.79
CA ASP B 353 9.77 -15.93 2.75
C ASP B 353 10.59 -15.38 1.60
N LYS B 354 10.01 -15.42 0.40
CA LYS B 354 10.73 -15.00 -0.81
C LYS B 354 11.30 -13.61 -0.71
N ILE B 355 10.50 -12.66 -0.23
CA ILE B 355 10.97 -11.28 -0.09
C ILE B 355 11.41 -10.97 1.35
N GLU B 356 11.78 -12.02 2.08
CA GLU B 356 12.31 -11.94 3.46
C GLU B 356 11.59 -10.92 4.36
N THR B 357 10.30 -11.17 4.55
CA THR B 357 9.49 -10.45 5.53
C THR B 357 8.48 -11.45 6.12
N ILE B 358 7.41 -10.92 6.74
CA ILE B 358 6.38 -11.76 7.35
C ILE B 358 5.01 -11.51 6.69
N PRO B 359 4.12 -12.51 6.75
CA PRO B 359 2.79 -12.45 6.11
C PRO B 359 2.03 -11.13 6.28
N GLN B 360 2.14 -10.52 7.45
CA GLN B 360 1.40 -9.29 7.74
C GLN B 360 1.81 -8.16 6.80
N GLU B 361 3.11 -8.05 6.52
CA GLU B 361 3.58 -7.01 5.60
C GLU B 361 3.13 -7.31 4.16
N VAL B 362 3.07 -8.59 3.79
CA VAL B 362 2.63 -8.96 2.45
C VAL B 362 1.18 -8.53 2.27
N PHE B 363 0.31 -8.93 3.19
CA PHE B 363 -1.10 -8.51 3.17
C PHE B 363 -1.27 -6.99 3.19
N SER B 364 -0.42 -6.31 3.96
CA SER B 364 -0.52 -4.84 4.11
C SER B 364 -0.10 -4.09 2.85
N ARG B 365 0.73 -4.73 2.02
CA ARG B 365 1.28 -4.08 0.84
C ARG B 365 0.25 -4.02 -0.30
N ILE B 366 -0.76 -4.89 -0.23
CA ILE B 366 -1.83 -4.93 -1.23
C ILE B 366 -2.58 -3.60 -1.20
N SER B 367 -2.40 -2.80 -2.26
CA SER B 367 -2.69 -1.36 -2.18
C SER B 367 -4.14 -0.95 -2.38
N ARG B 368 -4.38 0.32 -2.10
CA ARG B 368 -5.67 0.96 -2.33
C ARG B 368 -6.28 0.61 -3.68
N ARG B 369 -5.45 0.53 -4.70
CA ARG B 369 -5.91 0.35 -6.07
C ARG B 369 -6.52 -1.04 -6.34
N VAL B 370 -6.19 -2.01 -5.49
CA VAL B 370 -6.70 -3.38 -5.65
C VAL B 370 -8.07 -3.52 -4.98
N PRO B 371 -9.13 -3.71 -5.77
CA PRO B 371 -10.46 -3.85 -5.17
C PRO B 371 -10.62 -5.15 -4.37
N ARG B 372 -11.48 -5.11 -3.36
CA ARG B 372 -11.78 -6.28 -2.55
C ARG B 372 -13.15 -6.83 -2.93
N VAL B 373 -13.19 -8.10 -3.33
CA VAL B 373 -14.45 -8.78 -3.62
C VAL B 373 -14.68 -9.80 -2.51
N TYR B 374 -15.91 -9.85 -2.00
CA TYR B 374 -16.22 -10.64 -0.80
C TYR B 374 -17.12 -11.84 -1.08
N PHE B 375 -16.87 -12.92 -0.34
CA PHE B 375 -17.59 -14.17 -0.48
C PHE B 375 -18.05 -14.71 0.87
N TYR B 376 -19.21 -15.34 0.87
CA TYR B 376 -19.73 -16.05 2.03
C TYR B 376 -20.45 -17.28 1.50
N ASP B 377 -20.03 -18.45 1.98
CA ASP B 377 -20.64 -19.72 1.60
C ASP B 377 -20.71 -19.94 0.09
N GLY B 378 -19.67 -19.50 -0.62
CA GLY B 378 -19.57 -19.69 -2.07
C GLY B 378 -20.24 -18.62 -2.92
N ILE B 379 -21.05 -17.77 -2.30
CA ILE B 379 -21.73 -16.71 -3.01
C ILE B 379 -20.95 -15.40 -2.86
N LYS B 380 -20.83 -14.67 -3.96
CA LYS B 380 -20.28 -13.31 -3.95
C LYS B 380 -21.32 -12.39 -3.36
N ILE B 381 -21.01 -11.76 -2.23
CA ILE B 381 -21.97 -10.92 -1.51
C ILE B 381 -21.75 -9.42 -1.67
N GLY B 382 -20.62 -9.02 -2.23
CA GLY B 382 -20.34 -7.60 -2.40
C GLY B 382 -18.93 -7.30 -2.88
N GLU B 383 -18.61 -6.02 -2.97
CA GLU B 383 -17.30 -5.55 -3.41
C GLU B 383 -17.07 -4.12 -2.97
N VAL B 384 -15.82 -3.77 -2.72
CA VAL B 384 -15.46 -2.37 -2.48
C VAL B 384 -14.33 -1.98 -3.42
N ASN B 385 -14.44 -0.79 -3.99
CA ASN B 385 -13.39 -0.20 -4.77
C ASN B 385 -13.08 1.15 -4.14
N TYR B 386 -11.85 1.32 -3.64
CA TYR B 386 -11.49 2.52 -2.91
C TYR B 386 -11.34 3.75 -3.81
N LEU B 387 -11.25 3.52 -5.12
CA LEU B 387 -11.32 4.61 -6.10
C LEU B 387 -12.77 5.05 -6.34
N LYS B 388 -13.70 4.10 -6.17
CA LYS B 388 -15.14 4.37 -6.09
C LYS B 388 -15.70 5.08 -7.32
P PO4 C . 8.18 7.81 -15.90
O1 PO4 C . 8.79 9.18 -15.75
O2 PO4 C . 9.21 6.83 -16.39
O3 PO4 C . 7.04 7.88 -16.89
O4 PO4 C . 7.67 7.34 -14.55
N ALA D . 2.09 -6.31 16.31
CA ALA D . 2.54 -7.22 15.21
C ALA D . 3.54 -6.49 14.31
O ALA D . 3.55 -5.26 14.27
CB ALA D . 1.35 -7.70 14.40
OXT ALA D . 4.36 -7.10 13.61
P PO4 E . -0.86 -11.33 15.99
O1 PO4 E . -0.18 -10.42 14.99
O2 PO4 E . -1.57 -10.48 17.03
O3 PO4 E . -1.86 -12.20 15.29
O4 PO4 E . 0.16 -12.20 16.69
N ALA F . 7.41 4.51 -13.92
CA ALA F . 6.86 3.66 -15.02
C ALA F . 7.02 2.16 -14.73
O ALA F . 6.27 1.34 -15.25
CB ALA F . 7.49 4.02 -16.35
OXT ALA F . 7.91 1.72 -14.00
#